data_8ZWY
#
_entry.id   8ZWY
#
_cell.length_a   47.645
_cell.length_b   86.700
_cell.length_c   86.996
_cell.angle_alpha   90.000
_cell.angle_beta   95.252
_cell.angle_gamma   90.000
#
_symmetry.space_group_name_H-M   'P 1 21 1'
#
loop_
_entity.id
_entity.type
_entity.pdbx_description
1 polymer 'Beta-1,3-galactosyltransferase 5'
2 branched 2-acetamido-2-deoxy-beta-D-glucopyranose-(1-4)-2-acetamido-2-deoxy-beta-D-glucopyranose
3 branched alpha-L-fucopyranose-(1-6)-2-acetamido-2-deoxy-beta-D-glucopyranose
4 branched alpha-D-mannopyranose-(1-3)-[alpha-D-mannopyranose-(1-6)]beta-D-mannopyranose-(1-4)-2-acetamido-2-deoxy-beta-D-glucopyranose-(1-4)-[alpha-L-fucopyranose-(1-6)]2-acetamido-2-deoxy-beta-D-glucopyranose
5 branched '2-acetamido-2-deoxy-beta-D-glucopyranose-(1-3)-methyl beta-D-galactopyranoside'
6 non-polymer 'MANGANESE (II) ION'
7 non-polymer "URIDINE-5'-DIPHOSPHATE"
8 non-polymer 2-[3-(2-HYDROXY-1,1-DIHYDROXYMETHYL-ETHYLAMINO)-PROPYLAMINO]-2-HYDROXYMETHYL-PROPANE-1,3-DIOL
9 water water
#
_entity_poly.entity_id   1
_entity_poly.type   'polypeptide(L)'
_entity_poly.pdbx_seq_one_letter_code
;FKEQSFVYKKDGNFLKLPDTDCRQTPPFLVLLVTSSHKQLAERMAIRQTWGKERMVKGKQLKTFFLLGTTSSAAETKEVD
QESQRHGDIIQKDFLDVYYNLTLKTMMGIEWVHRFCPQAAFVMKTDSDMFINVDYLTELLLKKNRTTRFFTGFLKLNEFP
IRQPFSKWFVSKSEYPWDRYPPFCSGTGYVFSGDVASQVYNVSKSVPYIKLEDVFVGLCLERLNIRLEELHSQPTFFPGG
LRFSVCLFRRIVACHFIKPRTLLDYWQALENSRGEDCP
;
_entity_poly.pdbx_strand_id   A,B
#
loop_
_chem_comp.id
_chem_comp.type
_chem_comp.name
_chem_comp.formula
B3P non-polymer 2-[3-(2-HYDROXY-1,1-DIHYDROXYMETHYL-ETHYLAMINO)-PROPYLAMINO]-2-HYDROXYMETHYL-PROPANE-1,3-DIOL 'C11 H26 N2 O6'
BMA D-saccharide, beta linking beta-D-mannopyranose 'C6 H12 O6'
FUC L-saccharide, alpha linking alpha-L-fucopyranose 'C6 H12 O5'
MAN D-saccharide, alpha linking alpha-D-mannopyranose 'C6 H12 O6'
MBG D-saccharide 'methyl beta-D-galactopyranoside' 'C7 H14 O6'
MN non-polymer 'MANGANESE (II) ION' 'Mn 2'
NAG D-saccharide, beta linking 2-acetamido-2-deoxy-beta-D-glucopyranose 'C8 H15 N O6'
UDP RNA linking URIDINE-5'-DIPHOSPHATE 'C9 H14 N2 O12 P2'
#
# COMPACT_ATOMS: atom_id res chain seq x y z
N GLY A 12 14.37 -5.50 -1.86
CA GLY A 12 14.24 -6.85 -2.45
C GLY A 12 13.38 -6.84 -3.69
N ASN A 13 13.05 -5.64 -4.17
CA ASN A 13 12.24 -5.39 -5.40
C ASN A 13 10.77 -5.80 -5.20
N PHE A 14 10.21 -5.65 -4.00
CA PHE A 14 8.82 -6.05 -3.66
C PHE A 14 7.86 -4.90 -3.95
N LEU A 15 7.26 -4.87 -5.15
CA LEU A 15 6.31 -3.82 -5.48
C LEU A 15 5.29 -3.63 -4.37
N LYS A 16 4.92 -4.70 -3.66
CA LYS A 16 3.95 -4.65 -2.57
C LYS A 16 4.47 -5.48 -1.43
N LEU A 17 4.37 -4.94 -0.22
CA LEU A 17 4.77 -5.55 1.02
C LEU A 17 3.59 -5.50 1.99
N PRO A 18 3.30 -6.58 2.72
CA PRO A 18 2.19 -6.55 3.68
C PRO A 18 2.45 -5.64 4.86
N ASP A 19 1.38 -4.99 5.32
CA ASP A 19 1.39 -4.11 6.49
C ASP A 19 1.46 -4.96 7.76
N THR A 20 2.66 -5.41 8.07
CA THR A 20 2.83 -6.33 9.19
C THR A 20 4.21 -6.12 9.79
N ASP A 21 4.34 -6.47 11.08
CA ASP A 21 5.59 -6.35 11.82
C ASP A 21 5.85 -7.63 12.62
N CYS A 22 6.62 -8.56 12.05
CA CYS A 22 6.87 -9.85 12.72
C CYS A 22 7.80 -9.70 13.93
N ARG A 23 8.53 -8.59 14.06
CA ARG A 23 9.37 -8.40 15.27
C ARG A 23 8.44 -8.04 16.44
N GLN A 24 7.43 -7.23 16.19
CA GLN A 24 6.47 -6.81 17.25
C GLN A 24 5.60 -8.00 17.66
N THR A 25 5.02 -8.72 16.70
CA THR A 25 4.24 -9.91 17.06
C THR A 25 4.67 -11.07 16.17
N PRO A 26 5.67 -11.83 16.58
CA PRO A 26 6.15 -12.95 15.77
C PRO A 26 5.05 -13.98 15.52
N PRO A 27 4.71 -14.25 14.26
CA PRO A 27 3.63 -15.20 13.99
C PRO A 27 4.04 -16.60 14.36
N PHE A 28 3.08 -17.45 14.71
CA PHE A 28 3.40 -18.87 14.90
C PHE A 28 3.40 -19.54 13.52
N LEU A 29 2.36 -19.25 12.74
CA LEU A 29 2.20 -19.85 11.40
C LEU A 29 1.90 -18.74 10.39
N VAL A 30 2.65 -18.73 9.29
CA VAL A 30 2.41 -17.76 8.20
C VAL A 30 1.95 -18.56 6.98
N LEU A 31 0.80 -18.21 6.42
CA LEU A 31 0.30 -18.90 5.21
C LEU A 31 0.68 -18.06 3.97
N LEU A 32 1.38 -18.68 3.05
CA LEU A 32 1.73 -18.02 1.77
C LEU A 32 0.86 -18.67 0.67
N VAL A 33 -0.10 -17.92 0.15
CA VAL A 33 -1.08 -18.48 -0.81
C VAL A 33 -0.79 -17.99 -2.25
N THR A 34 -0.63 -18.95 -3.16
CA THR A 34 -0.43 -18.62 -4.57
C THR A 34 -1.78 -18.48 -5.24
N SER A 35 -1.91 -17.45 -6.04
CA SER A 35 -3.14 -17.25 -6.84
C SER A 35 -2.77 -16.33 -8.01
N SER A 36 -3.48 -16.45 -9.13
CA SER A 36 -3.23 -15.50 -10.21
C SER A 36 -4.14 -14.28 -10.09
N HIS A 37 -3.81 -13.21 -10.79
CA HIS A 37 -4.56 -11.93 -10.67
C HIS A 37 -6.07 -12.11 -10.78
N LYS A 38 -6.57 -12.92 -11.71
CA LYS A 38 -8.04 -13.01 -11.94
C LYS A 38 -8.76 -13.78 -10.82
N GLN A 39 -8.01 -14.49 -9.99
CA GLN A 39 -8.63 -15.36 -9.01
C GLN A 39 -9.02 -14.59 -7.76
N LEU A 40 -9.69 -13.45 -7.93
CA LEU A 40 -10.17 -12.73 -6.74
C LEU A 40 -11.17 -13.55 -5.91
N ALA A 41 -12.06 -14.29 -6.57
CA ALA A 41 -13.03 -15.12 -5.83
C ALA A 41 -12.31 -16.09 -4.88
N GLU A 42 -11.25 -16.74 -5.38
CA GLU A 42 -10.47 -17.64 -4.52
C GLU A 42 -9.94 -16.89 -3.30
N ARG A 43 -9.26 -15.76 -3.51
CA ARG A 43 -8.67 -15.07 -2.37
C ARG A 43 -9.73 -14.64 -1.36
N MET A 44 -10.88 -14.16 -1.83
CA MET A 44 -11.93 -13.75 -0.89
C MET A 44 -12.46 -14.93 -0.11
N ALA A 45 -12.66 -16.08 -0.77
CA ALA A 45 -13.12 -17.25 -0.02
C ALA A 45 -12.10 -17.63 1.03
N ILE A 46 -10.82 -17.48 0.74
CA ILE A 46 -9.77 -17.90 1.73
C ILE A 46 -9.78 -16.90 2.90
N ARG A 47 -9.88 -15.61 2.57
CA ARG A 47 -9.85 -14.53 3.60
C ARG A 47 -11.04 -14.69 4.57
N GLN A 48 -12.12 -15.28 4.08
CA GLN A 48 -13.34 -15.47 4.91
C GLN A 48 -13.34 -16.86 5.57
N THR A 49 -12.42 -17.74 5.18
CA THR A 49 -12.40 -19.09 5.75
C THR A 49 -11.09 -19.34 6.49
N TRP A 50 -10.30 -20.33 6.05
CA TRP A 50 -9.07 -20.72 6.77
C TRP A 50 -7.99 -19.66 6.71
N GLY A 51 -8.11 -18.69 5.81
CA GLY A 51 -7.10 -17.66 5.80
C GLY A 51 -7.34 -16.53 6.78
N LYS A 52 -8.46 -16.54 7.52
CA LYS A 52 -8.79 -15.48 8.49
C LYS A 52 -7.80 -15.42 9.65
N GLU A 53 -7.19 -14.26 9.84
CA GLU A 53 -6.16 -14.13 10.85
C GLU A 53 -6.76 -14.19 12.26
N ARG A 54 -6.10 -14.93 13.16
CA ARG A 54 -6.65 -15.16 14.48
C ARG A 54 -5.59 -15.84 15.30
N MET A 55 -5.87 -15.94 16.61
CA MET A 55 -5.10 -16.77 17.51
C MET A 55 -5.69 -18.16 17.44
N VAL A 56 -4.82 -19.15 17.35
CA VAL A 56 -5.20 -20.56 17.24
C VAL A 56 -4.49 -21.22 18.41
N LYS A 57 -5.26 -21.58 19.45
CA LYS A 57 -4.69 -22.05 20.72
C LYS A 57 -3.66 -21.05 21.24
N GLY A 58 -3.97 -19.77 21.06
CA GLY A 58 -3.11 -18.69 21.50
C GLY A 58 -1.90 -18.42 20.62
N LYS A 59 -1.85 -19.06 19.46
CA LYS A 59 -0.72 -18.89 18.52
C LYS A 59 -1.17 -17.99 17.37
N GLN A 60 -0.31 -17.11 16.91
CA GLN A 60 -0.76 -16.12 15.91
C GLN A 60 -0.71 -16.72 14.49
N LEU A 61 -1.77 -16.49 13.74
CA LEU A 61 -1.82 -16.95 12.33
C LEU A 61 -1.88 -15.73 11.42
N LYS A 62 -1.04 -15.70 10.40
CA LYS A 62 -1.06 -14.61 9.40
C LYS A 62 -1.22 -15.20 8.00
N THR A 63 -1.86 -14.48 7.10
CA THR A 63 -2.12 -14.99 5.75
C THR A 63 -1.76 -13.95 4.72
N PHE A 64 -0.93 -14.34 3.75
CA PHE A 64 -0.53 -13.41 2.66
C PHE A 64 -0.71 -14.08 1.29
N PHE A 65 -0.98 -13.28 0.27
CA PHE A 65 -1.16 -13.77 -1.11
C PHE A 65 0.06 -13.39 -1.97
N LEU A 66 0.63 -14.37 -2.66
CA LEU A 66 1.79 -14.15 -3.54
C LEU A 66 1.28 -13.84 -4.95
N LEU A 67 1.76 -12.73 -5.49
CA LEU A 67 1.33 -12.34 -6.83
C LEU A 67 2.49 -11.78 -7.64
N GLY A 68 2.51 -12.10 -8.91
CA GLY A 68 3.42 -11.42 -9.79
C GLY A 68 2.72 -10.24 -10.46
N THR A 69 3.13 -9.96 -11.70
CA THR A 69 2.53 -8.89 -12.47
C THR A 69 1.87 -9.49 -13.69
N THR A 70 1.05 -8.66 -14.32
CA THR A 70 0.30 -9.06 -15.49
C THR A 70 0.39 -7.93 -16.51
N SER A 71 0.20 -8.28 -17.78
CA SER A 71 0.17 -7.23 -18.79
C SER A 71 -1.15 -6.46 -18.75
N SER A 72 -2.24 -7.12 -18.38
CA SER A 72 -3.57 -6.51 -18.33
C SER A 72 -3.60 -5.29 -17.40
N ALA A 73 -3.91 -4.13 -17.99
CA ALA A 73 -4.06 -2.90 -17.21
C ALA A 73 -5.22 -3.01 -16.24
N ALA A 74 -6.31 -3.66 -16.66
CA ALA A 74 -7.46 -3.81 -15.78
C ALA A 74 -7.09 -4.63 -14.53
N GLU A 75 -6.47 -5.79 -14.75
CA GLU A 75 -6.10 -6.65 -13.63
C GLU A 75 -5.10 -5.95 -12.73
N THR A 76 -4.15 -5.23 -13.32
CA THR A 76 -3.19 -4.48 -12.53
C THR A 76 -3.90 -3.52 -11.60
N LYS A 77 -4.88 -2.78 -12.14
CA LYS A 77 -5.62 -1.84 -11.32
C LYS A 77 -6.37 -2.55 -10.19
N GLU A 78 -7.09 -3.64 -10.53
CA GLU A 78 -7.88 -4.34 -9.52
C GLU A 78 -7.00 -4.82 -8.39
N VAL A 79 -5.83 -5.37 -8.73
CA VAL A 79 -4.93 -5.87 -7.71
C VAL A 79 -4.37 -4.73 -6.88
N ASP A 80 -4.13 -3.57 -7.50
CA ASP A 80 -3.69 -2.41 -6.72
C ASP A 80 -4.73 -2.02 -5.70
N GLN A 81 -6.02 -2.00 -6.10
CA GLN A 81 -7.09 -1.66 -5.17
C GLN A 81 -7.21 -2.72 -4.06
N GLU A 82 -7.09 -3.99 -4.45
CA GLU A 82 -7.18 -5.05 -3.46
C GLU A 82 -6.07 -4.94 -2.46
N SER A 83 -4.85 -4.63 -2.91
CA SER A 83 -3.73 -4.47 -1.98
C SER A 83 -4.01 -3.33 -1.01
N GLN A 84 -4.45 -2.18 -1.54
CA GLN A 84 -4.78 -1.04 -0.68
C GLN A 84 -5.84 -1.43 0.34
N ARG A 85 -6.92 -2.05 -0.12
CA ARG A 85 -8.02 -2.41 0.76
C ARG A 85 -7.65 -3.50 1.79
N HIS A 86 -6.74 -4.44 1.44
CA HIS A 86 -6.49 -5.57 2.33
C HIS A 86 -5.09 -5.65 2.90
N GLY A 87 -4.10 -5.07 2.23
CA GLY A 87 -2.74 -5.03 2.79
C GLY A 87 -2.05 -6.36 3.02
N ASP A 88 -2.46 -7.43 2.34
CA ASP A 88 -1.94 -8.75 2.65
C ASP A 88 -1.36 -9.40 1.39
N ILE A 89 -0.87 -8.59 0.44
CA ILE A 89 -0.34 -9.03 -0.84
C ILE A 89 1.17 -8.80 -0.88
N ILE A 90 1.89 -9.84 -1.31
CA ILE A 90 3.36 -9.75 -1.52
C ILE A 90 3.55 -9.81 -3.04
N GLN A 91 4.22 -8.80 -3.60
CA GLN A 91 4.34 -8.77 -5.06
C GLN A 91 5.74 -8.37 -5.51
N LYS A 92 6.19 -8.96 -6.60
CA LYS A 92 7.47 -8.57 -7.23
C LYS A 92 7.17 -8.51 -8.73
N ASP A 93 8.05 -7.89 -9.51
CA ASP A 93 7.77 -7.72 -10.96
C ASP A 93 8.21 -8.94 -11.76
N PHE A 94 7.35 -9.93 -11.88
CA PHE A 94 7.64 -11.08 -12.76
C PHE A 94 6.30 -11.44 -13.40
N LEU A 95 6.34 -11.87 -14.65
CA LEU A 95 5.12 -12.30 -15.36
C LEU A 95 4.48 -13.46 -14.58
N ASP A 96 3.30 -13.21 -14.04
CA ASP A 96 2.57 -14.23 -13.25
C ASP A 96 1.96 -15.30 -14.18
N VAL A 97 2.71 -16.36 -14.46
CA VAL A 97 2.25 -17.49 -15.31
C VAL A 97 2.65 -18.83 -14.66
N TYR A 98 1.99 -19.91 -15.04
CA TYR A 98 2.26 -21.25 -14.42
C TYR A 98 3.77 -21.56 -14.43
N TYR A 99 4.44 -21.34 -15.55
CA TYR A 99 5.90 -21.67 -15.66
C TYR A 99 6.78 -20.63 -14.97
N ASN A 100 6.18 -19.69 -14.25
CA ASN A 100 6.94 -18.73 -13.39
C ASN A 100 6.65 -18.99 -11.89
N LEU A 101 5.95 -20.07 -11.57
CA LEU A 101 5.62 -20.42 -10.15
C LEU A 101 6.90 -20.55 -9.28
N THR A 102 8.02 -20.96 -9.87
CA THR A 102 9.30 -21.03 -9.11
C THR A 102 9.65 -19.61 -8.59
N LEU A 103 9.62 -18.60 -9.44
CA LEU A 103 9.83 -17.19 -9.00
C LEU A 103 8.84 -16.83 -7.87
N LYS A 104 7.57 -17.19 -8.05
CA LYS A 104 6.55 -16.84 -7.03
C LYS A 104 6.96 -17.45 -5.69
N THR A 105 7.28 -18.76 -5.70
CA THR A 105 7.68 -19.45 -4.45
C THR A 105 8.89 -18.77 -3.87
N MET A 106 9.91 -18.53 -4.68
CA MET A 106 11.17 -17.92 -4.17
C MET A 106 10.85 -16.51 -3.61
N MET A 107 9.88 -15.82 -4.19
CA MET A 107 9.46 -14.48 -3.69
C MET A 107 8.94 -14.62 -2.23
N GLY A 108 8.07 -15.60 -1.99
CA GLY A 108 7.53 -15.80 -0.65
C GLY A 108 8.63 -16.15 0.33
N ILE A 109 9.53 -17.04 -0.07
CA ILE A 109 10.66 -17.47 0.79
C ILE A 109 11.56 -16.25 1.07
N GLU A 110 11.75 -15.41 0.06
CA GLU A 110 12.56 -14.18 0.21
C GLU A 110 11.87 -13.27 1.23
N TRP A 111 10.55 -13.13 1.10
CA TRP A 111 9.78 -12.28 2.03
C TRP A 111 9.98 -12.77 3.46
N VAL A 112 9.83 -14.07 3.69
CA VAL A 112 10.02 -14.64 5.06
C VAL A 112 11.43 -14.28 5.54
N HIS A 113 12.43 -14.55 4.72
CA HIS A 113 13.84 -14.28 5.11
C HIS A 113 14.07 -12.81 5.46
N ARG A 114 13.64 -11.91 4.59
CA ARG A 114 13.92 -10.46 4.76
C ARG A 114 12.98 -9.78 5.77
N PHE A 115 11.72 -10.22 5.83
CA PHE A 115 10.70 -9.50 6.64
C PHE A 115 10.03 -10.33 7.72
N CYS A 116 10.17 -11.65 7.75
CA CYS A 116 9.46 -12.38 8.83
C CYS A 116 10.30 -13.58 9.28
N PRO A 117 11.60 -13.38 9.58
CA PRO A 117 12.45 -14.47 10.04
C PRO A 117 12.00 -14.99 11.39
N GLN A 118 11.11 -14.27 12.06
CA GLN A 118 10.58 -14.65 13.40
C GLN A 118 9.52 -15.76 13.29
N ALA A 119 8.94 -15.95 12.09
CA ALA A 119 7.92 -17.00 11.88
C ALA A 119 8.44 -18.35 12.37
N ALA A 120 7.66 -19.01 13.22
CA ALA A 120 8.04 -20.37 13.66
C ALA A 120 7.85 -21.35 12.50
N PHE A 121 6.70 -21.20 11.84
CA PHE A 121 6.35 -22.12 10.73
C PHE A 121 5.77 -21.32 9.58
N VAL A 122 6.00 -21.85 8.38
CA VAL A 122 5.46 -21.23 7.15
C VAL A 122 4.83 -22.33 6.28
N MET A 123 3.64 -22.08 5.78
CA MET A 123 2.98 -23.01 4.85
C MET A 123 2.83 -22.35 3.47
N LYS A 124 3.37 -22.98 2.46
CA LYS A 124 3.15 -22.49 1.08
C LYS A 124 2.00 -23.34 0.50
N THR A 125 0.93 -22.69 0.05
CA THR A 125 -0.24 -23.44 -0.42
C THR A 125 -0.88 -22.89 -1.70
N ASP A 126 -1.63 -23.75 -2.36
CA ASP A 126 -2.42 -23.38 -3.56
C ASP A 126 -3.70 -22.67 -3.10
N SER A 127 -4.41 -22.06 -4.04
CA SER A 127 -5.68 -21.36 -3.76
C SER A 127 -6.86 -22.35 -3.79
N ASP A 128 -6.74 -23.48 -4.47
CA ASP A 128 -7.88 -24.45 -4.62
C ASP A 128 -7.75 -25.50 -3.52
N MET A 129 -7.68 -25.00 -2.29
CA MET A 129 -7.36 -25.92 -1.18
C MET A 129 -8.21 -25.66 0.06
N PHE A 130 -8.37 -26.70 0.86
CA PHE A 130 -8.98 -26.54 2.20
C PHE A 130 -7.82 -26.80 3.18
N ILE A 131 -7.62 -25.88 4.10
CA ILE A 131 -6.56 -26.05 5.15
CA ILE A 131 -6.57 -26.08 5.16
C ILE A 131 -7.18 -25.99 6.58
N ASN A 132 -6.86 -27.01 7.37
CA ASN A 132 -7.33 -27.04 8.78
C ASN A 132 -6.14 -26.57 9.65
N VAL A 133 -6.06 -25.27 9.84
CA VAL A 133 -4.96 -24.66 10.63
C VAL A 133 -5.00 -25.16 12.09
N ASP A 134 -6.20 -25.37 12.62
CA ASP A 134 -6.37 -25.86 14.01
C ASP A 134 -5.62 -27.18 14.17
N TYR A 135 -5.93 -28.14 13.33
CA TYR A 135 -5.30 -29.49 13.44
C TYR A 135 -3.80 -29.36 13.16
N LEU A 136 -3.45 -28.55 12.15
CA LEU A 136 -2.02 -28.35 11.78
C LEU A 136 -1.25 -27.82 13.00
N THR A 137 -1.72 -26.72 13.57
CA THR A 137 -1.11 -26.11 14.77
C THR A 137 -0.96 -27.16 15.87
N GLU A 138 -1.99 -27.97 16.08
CA GLU A 138 -1.96 -29.05 17.10
C GLU A 138 -0.84 -30.04 16.79
N LEU A 139 -0.72 -30.47 15.54
CA LEU A 139 0.34 -31.43 15.12
C LEU A 139 1.75 -30.78 15.17
N LEU A 140 1.86 -29.52 14.80
CA LEU A 140 3.16 -28.82 14.84
C LEU A 140 3.62 -28.73 16.31
N LEU A 141 2.73 -28.28 17.19
CA LEU A 141 3.05 -28.23 18.62
C LEU A 141 3.43 -29.59 19.17
N LYS A 142 2.93 -30.64 18.57
CA LYS A 142 3.22 -32.01 19.07
C LYS A 142 4.51 -32.54 18.47
N LYS A 143 4.89 -32.06 17.31
CA LYS A 143 6.03 -32.67 16.63
C LYS A 143 7.37 -32.35 17.31
N ASN A 144 7.46 -31.24 18.06
CA ASN A 144 8.70 -30.79 18.68
C ASN A 144 9.82 -30.77 17.63
N ARG A 145 9.52 -30.21 16.46
CA ARG A 145 10.51 -30.06 15.38
C ARG A 145 10.45 -28.60 14.92
N THR A 146 11.34 -27.76 15.46
CA THR A 146 11.33 -26.28 15.23
C THR A 146 12.45 -25.77 14.33
N THR A 147 13.41 -26.60 13.96
CA THR A 147 14.55 -26.18 13.10
C THR A 147 14.74 -27.12 11.92
N ARG A 148 15.17 -26.58 10.77
CA ARG A 148 15.40 -27.41 9.56
C ARG A 148 14.27 -28.45 9.44
N PHE A 149 13.02 -28.01 9.57
CA PHE A 149 11.86 -28.93 9.47
C PHE A 149 11.14 -28.68 8.14
N PHE A 150 10.70 -29.75 7.47
CA PHE A 150 9.95 -29.62 6.19
C PHE A 150 9.06 -30.85 5.98
N THR A 151 7.77 -30.60 5.79
CA THR A 151 6.79 -31.69 5.62
C THR A 151 5.68 -31.36 4.63
N GLY A 152 4.81 -32.33 4.39
CA GLY A 152 3.64 -32.20 3.53
C GLY A 152 3.32 -33.57 2.96
N PHE A 153 2.85 -33.64 1.73
CA PHE A 153 2.68 -34.94 1.05
C PHE A 153 4.06 -35.31 0.46
N LEU A 154 4.73 -36.28 1.04
CA LEU A 154 6.11 -36.64 0.59
C LEU A 154 6.10 -37.37 -0.76
N LYS A 155 6.95 -36.93 -1.68
CA LYS A 155 7.12 -37.56 -3.01
C LYS A 155 8.60 -37.97 -3.09
N LEU A 156 8.91 -39.23 -2.81
CA LEU A 156 10.33 -39.66 -2.63
C LEU A 156 10.96 -40.40 -3.82
N ASN A 157 10.18 -40.96 -4.73
CA ASN A 157 10.80 -41.74 -5.84
C ASN A 157 10.22 -41.20 -7.15
N GLU A 158 10.38 -39.92 -7.37
CA GLU A 158 9.69 -39.32 -8.54
C GLU A 158 10.58 -39.32 -9.78
N PHE A 159 9.94 -39.50 -10.93
CA PHE A 159 10.66 -39.44 -12.21
C PHE A 159 10.14 -38.24 -12.96
N PRO A 160 11.02 -37.47 -13.62
CA PRO A 160 10.55 -36.39 -14.45
C PRO A 160 9.54 -36.93 -15.48
N ILE A 161 8.56 -36.11 -15.79
CA ILE A 161 7.52 -36.46 -16.81
C ILE A 161 8.04 -36.03 -18.18
N ARG A 162 8.22 -37.00 -19.06
CA ARG A 162 8.69 -36.75 -20.44
C ARG A 162 7.53 -36.84 -21.45
N GLN A 163 6.29 -37.00 -21.00
CA GLN A 163 5.11 -36.94 -21.91
C GLN A 163 5.02 -35.49 -22.39
N PRO A 164 5.31 -35.20 -23.68
CA PRO A 164 5.46 -33.82 -24.13
C PRO A 164 4.34 -32.81 -24.04
N PHE A 165 3.09 -33.24 -23.98
CA PHE A 165 2.03 -32.20 -23.88
C PHE A 165 1.49 -32.15 -22.44
N SER A 166 2.20 -32.79 -21.51
CA SER A 166 1.78 -32.83 -20.10
C SER A 166 2.05 -31.47 -19.43
N LYS A 167 1.21 -31.05 -18.50
CA LYS A 167 1.42 -29.80 -17.73
C LYS A 167 2.79 -29.80 -17.04
N TRP A 168 3.21 -30.95 -16.53
CA TRP A 168 4.47 -31.02 -15.75
C TRP A 168 5.63 -31.54 -16.61
N PHE A 169 5.44 -31.50 -17.92
CA PHE A 169 6.51 -31.96 -18.84
C PHE A 169 7.81 -31.17 -18.67
N VAL A 170 8.91 -31.91 -18.64
CA VAL A 170 10.24 -31.24 -18.61
C VAL A 170 11.16 -31.96 -19.63
N SER A 171 11.78 -31.19 -20.51
CA SER A 171 12.75 -31.75 -21.48
C SER A 171 14.01 -32.26 -20.76
N LYS A 172 14.80 -33.05 -21.46
CA LYS A 172 16.10 -33.49 -20.89
C LYS A 172 16.99 -32.25 -20.68
N SER A 173 16.83 -31.24 -21.51
CA SER A 173 17.60 -29.98 -21.29
CA SER A 173 17.59 -29.97 -21.30
C SER A 173 17.18 -29.19 -20.02
N GLU A 174 15.87 -29.22 -19.78
CA GLU A 174 15.34 -28.52 -18.57
C GLU A 174 15.71 -29.34 -17.32
N TYR A 175 15.60 -30.66 -17.40
CA TYR A 175 16.01 -31.54 -16.26
C TYR A 175 16.63 -32.78 -16.87
N PRO A 176 17.96 -32.88 -16.83
CA PRO A 176 18.65 -33.96 -17.52
C PRO A 176 18.78 -35.32 -16.86
N TRP A 177 18.36 -35.46 -15.61
CA TRP A 177 18.59 -36.72 -14.89
C TRP A 177 17.32 -37.61 -14.82
N ASP A 178 17.50 -38.88 -14.48
CA ASP A 178 16.38 -39.88 -14.53
C ASP A 178 15.37 -39.70 -13.39
N ARG A 179 15.85 -39.23 -12.25
CA ARG A 179 14.98 -39.11 -11.07
C ARG A 179 15.06 -37.73 -10.44
N TYR A 180 14.01 -37.36 -9.73
CA TYR A 180 13.99 -36.10 -9.00
C TYR A 180 14.48 -36.35 -7.57
N PRO A 181 14.92 -35.31 -6.87
CA PRO A 181 15.28 -35.47 -5.47
C PRO A 181 13.98 -35.61 -4.68
N PRO A 182 14.05 -35.96 -3.38
CA PRO A 182 12.83 -35.94 -2.55
C PRO A 182 12.21 -34.53 -2.59
N PHE A 183 10.88 -34.51 -2.67
CA PHE A 183 10.18 -33.20 -2.56
C PHE A 183 8.75 -33.43 -2.04
N CYS A 184 8.06 -32.37 -1.67
CA CYS A 184 6.63 -32.48 -1.24
C CYS A 184 5.70 -31.79 -2.26
N SER A 185 4.47 -32.31 -2.42
CA SER A 185 3.50 -31.70 -3.36
C SER A 185 3.46 -30.18 -3.17
N GLY A 186 3.56 -29.42 -4.25
CA GLY A 186 3.42 -27.96 -4.15
C GLY A 186 2.00 -27.52 -3.78
N THR A 187 1.05 -28.45 -3.74
CA THR A 187 -0.32 -28.10 -3.31
C THR A 187 -0.31 -27.48 -1.92
N GLY A 188 0.57 -27.98 -1.06
CA GLY A 188 0.65 -27.47 0.32
C GLY A 188 1.79 -28.12 1.08
N TYR A 189 2.80 -27.32 1.43
CA TYR A 189 3.92 -27.84 2.25
C TYR A 189 4.24 -26.86 3.40
N VAL A 190 4.87 -27.40 4.45
CA VAL A 190 5.12 -26.60 5.67
C VAL A 190 6.59 -26.75 6.11
N PHE A 191 7.14 -25.67 6.61
CA PHE A 191 8.55 -25.70 7.07
C PHE A 191 8.79 -24.71 8.21
N SER A 192 9.80 -25.02 9.00
CA SER A 192 10.26 -24.09 10.07
C SER A 192 10.76 -22.82 9.38
N GLY A 193 10.48 -21.65 9.95
CA GLY A 193 10.84 -20.35 9.33
C GLY A 193 12.32 -20.25 8.95
N ASP A 194 13.22 -20.83 9.74
CA ASP A 194 14.69 -20.78 9.48
C ASP A 194 15.01 -21.33 8.08
N VAL A 195 14.27 -22.36 7.68
CA VAL A 195 14.48 -23.00 6.34
C VAL A 195 14.37 -21.96 5.20
N ALA A 196 13.49 -20.98 5.34
CA ALA A 196 13.31 -19.93 4.30
C ALA A 196 14.66 -19.25 4.03
N SER A 197 15.35 -18.91 5.10
CA SER A 197 16.64 -18.21 4.95
C SER A 197 17.66 -19.14 4.23
N GLN A 198 17.73 -20.39 4.65
CA GLN A 198 18.70 -21.33 4.06
C GLN A 198 18.39 -21.54 2.56
N VAL A 199 17.10 -21.73 2.25
CA VAL A 199 16.70 -21.99 0.84
C VAL A 199 17.07 -20.75 0.01
N TYR A 200 16.69 -19.57 0.50
CA TYR A 200 17.00 -18.31 -0.22
C TYR A 200 18.52 -18.25 -0.46
N ASN A 201 19.27 -18.54 0.58
CA ASN A 201 20.75 -18.47 0.49
C ASN A 201 21.30 -19.38 -0.62
N VAL A 202 20.86 -20.63 -0.68
CA VAL A 202 21.44 -21.61 -1.65
C VAL A 202 20.75 -21.51 -3.03
N SER A 203 19.58 -20.88 -3.10
CA SER A 203 18.75 -20.79 -4.32
C SER A 203 19.57 -20.52 -5.59
N LYS A 204 20.43 -19.51 -5.57
CA LYS A 204 21.15 -19.12 -6.81
C LYS A 204 22.20 -20.17 -7.26
N SER A 205 22.58 -21.10 -6.40
CA SER A 205 23.64 -22.10 -6.70
C SER A 205 23.01 -23.42 -7.19
N VAL A 206 21.70 -23.55 -7.04
CA VAL A 206 21.01 -24.82 -7.38
C VAL A 206 20.46 -24.75 -8.82
N PRO A 207 20.59 -25.83 -9.61
CA PRO A 207 20.04 -25.85 -10.95
C PRO A 207 18.56 -25.47 -10.96
N TYR A 208 18.22 -24.48 -11.79
CA TYR A 208 16.81 -24.02 -11.92
C TYR A 208 15.89 -25.07 -12.51
N ILE A 209 14.68 -25.12 -12.00
CA ILE A 209 13.62 -25.96 -12.63
C ILE A 209 12.31 -25.16 -12.51
N LYS A 210 11.51 -25.16 -13.59
CA LYS A 210 10.25 -24.39 -13.64
C LYS A 210 9.16 -24.99 -12.71
N LEU A 211 9.40 -26.18 -12.18
CA LEU A 211 8.46 -26.80 -11.22
C LEU A 211 8.89 -26.39 -9.79
N GLU A 212 8.13 -25.52 -9.13
CA GLU A 212 8.53 -24.93 -7.82
C GLU A 212 8.83 -25.98 -6.71
N ASP A 213 7.96 -26.97 -6.56
CA ASP A 213 8.12 -27.99 -5.50
C ASP A 213 9.42 -28.78 -5.71
N VAL A 214 9.70 -29.13 -6.96
CA VAL A 214 10.97 -29.84 -7.31
C VAL A 214 12.17 -28.91 -7.02
N PHE A 215 12.06 -27.66 -7.45
CA PHE A 215 13.18 -26.70 -7.20
C PHE A 215 13.49 -26.68 -5.69
N VAL A 216 12.45 -26.50 -4.91
CA VAL A 216 12.62 -26.46 -3.42
C VAL A 216 13.25 -27.77 -2.94
N GLY A 217 12.74 -28.90 -3.43
CA GLY A 217 13.39 -30.19 -3.14
C GLY A 217 14.89 -30.19 -3.48
N LEU A 218 15.26 -29.62 -4.64
CA LEU A 218 16.69 -29.55 -4.94
C LEU A 218 17.43 -28.74 -3.88
N CYS A 219 16.86 -27.59 -3.47
CA CYS A 219 17.52 -26.74 -2.46
C CYS A 219 17.66 -27.48 -1.14
N LEU A 220 16.57 -28.11 -0.68
CA LEU A 220 16.60 -28.87 0.57
C LEU A 220 17.66 -29.94 0.54
N GLU A 221 17.75 -30.67 -0.58
CA GLU A 221 18.80 -31.66 -0.75
C GLU A 221 20.19 -31.01 -0.65
N ARG A 222 20.38 -29.87 -1.30
CA ARG A 222 21.69 -29.22 -1.18
C ARG A 222 21.99 -28.87 0.27
N LEU A 223 20.94 -28.62 1.07
CA LEU A 223 21.06 -28.22 2.47
C LEU A 223 21.13 -29.41 3.42
N ASN A 224 21.02 -30.64 2.92
CA ASN A 224 20.96 -31.85 3.75
C ASN A 224 19.78 -31.85 4.74
N ILE A 225 18.68 -31.17 4.39
CA ILE A 225 17.44 -31.14 5.17
C ILE A 225 16.58 -32.28 4.68
N ARG A 226 16.27 -33.21 5.55
CA ARG A 226 15.52 -34.39 5.16
C ARG A 226 14.03 -34.15 5.38
N LEU A 227 13.21 -34.64 4.44
CA LEU A 227 11.77 -34.53 4.55
C LEU A 227 11.26 -35.42 5.67
N GLU A 228 10.25 -34.95 6.43
CA GLU A 228 9.60 -35.77 7.47
C GLU A 228 8.09 -35.75 7.38
N GLU A 229 7.45 -36.88 7.67
CA GLU A 229 6.00 -36.98 7.75
C GLU A 229 5.50 -36.19 8.94
N LEU A 230 4.40 -35.46 8.83
CA LEU A 230 3.97 -34.60 9.96
C LEU A 230 3.33 -35.47 11.06
N HIS A 231 2.80 -36.62 10.69
CA HIS A 231 2.04 -37.46 11.64
C HIS A 231 2.04 -38.93 11.21
N SER A 232 1.65 -39.82 12.13
CA SER A 232 1.59 -41.28 11.86
C SER A 232 0.55 -41.55 10.78
N GLN A 233 -0.45 -40.68 10.68
CA GLN A 233 -1.52 -40.84 9.66
C GLN A 233 -1.36 -39.78 8.57
N PRO A 234 -1.82 -40.06 7.33
CA PRO A 234 -1.80 -39.04 6.29
C PRO A 234 -2.61 -37.78 6.66
N THR A 235 -2.06 -36.60 6.36
CA THR A 235 -2.70 -35.32 6.69
C THR A 235 -2.81 -34.41 5.46
N PHE A 236 -1.97 -34.64 4.46
CA PHE A 236 -2.00 -33.86 3.19
C PHE A 236 -2.60 -34.72 2.03
N PHE A 237 -3.55 -34.17 1.29
CA PHE A 237 -4.25 -34.94 0.24
C PHE A 237 -4.25 -34.20 -1.13
N PRO A 238 -3.12 -34.23 -1.85
CA PRO A 238 -3.06 -33.64 -3.18
C PRO A 238 -4.14 -34.22 -4.13
N GLY A 239 -4.58 -35.45 -3.90
CA GLY A 239 -5.58 -36.12 -4.75
C GLY A 239 -7.02 -35.77 -4.41
N GLY A 240 -7.20 -35.02 -3.33
CA GLY A 240 -8.56 -34.67 -2.88
C GLY A 240 -9.21 -35.75 -2.02
N LEU A 241 -10.39 -35.45 -1.49
CA LEU A 241 -11.07 -36.41 -0.58
C LEU A 241 -12.60 -36.32 -0.63
N ARG A 242 -13.25 -37.42 -0.30
CA ARG A 242 -14.72 -37.37 -0.13
C ARG A 242 -14.94 -36.57 1.17
N PHE A 243 -15.78 -35.54 1.13
CA PHE A 243 -15.96 -34.66 2.30
C PHE A 243 -16.77 -35.32 3.44
N SER A 244 -16.33 -35.09 4.68
CA SER A 244 -17.06 -35.51 5.91
C SER A 244 -16.54 -34.58 7.01
N VAL A 245 -17.45 -34.04 7.81
CA VAL A 245 -17.01 -33.19 8.96
C VAL A 245 -15.94 -33.93 9.76
N CYS A 246 -16.20 -35.18 10.12
CA CYS A 246 -15.24 -35.88 10.99
C CYS A 246 -13.87 -36.03 10.30
N LEU A 247 -13.86 -36.34 9.01
CA LEU A 247 -12.56 -36.51 8.30
C LEU A 247 -11.85 -35.15 8.23
N PHE A 248 -12.56 -34.08 7.90
CA PHE A 248 -11.92 -32.75 7.71
C PHE A 248 -11.39 -32.16 9.03
N ARG A 249 -11.91 -32.65 10.17
CA ARG A 249 -11.38 -32.21 11.48
C ARG A 249 -10.03 -32.89 11.75
N ARG A 250 -9.74 -33.98 11.04
CA ARG A 250 -8.49 -34.76 11.29
C ARG A 250 -7.55 -34.75 10.07
N ILE A 251 -7.57 -33.68 9.28
CA ILE A 251 -6.61 -33.56 8.15
C ILE A 251 -6.03 -32.14 8.17
N VAL A 252 -4.92 -31.96 7.48
CA VAL A 252 -4.30 -30.61 7.36
C VAL A 252 -4.73 -29.96 6.03
N ALA A 253 -4.64 -30.68 4.93
CA ALA A 253 -4.88 -30.04 3.62
C ALA A 253 -5.54 -30.98 2.61
N CYS A 254 -6.46 -30.41 1.83
CA CYS A 254 -7.18 -31.16 0.79
C CYS A 254 -7.25 -30.29 -0.48
N HIS A 255 -6.88 -30.88 -1.60
CA HIS A 255 -6.81 -30.15 -2.88
C HIS A 255 -8.12 -30.30 -3.65
N PHE A 256 -8.21 -29.69 -4.84
CA PHE A 256 -9.41 -29.82 -5.71
C PHE A 256 -10.64 -29.21 -5.04
N ILE A 257 -10.46 -28.10 -4.36
CA ILE A 257 -11.59 -27.37 -3.70
CA ILE A 257 -11.60 -27.39 -3.72
C ILE A 257 -11.81 -25.95 -4.26
N LYS A 258 -12.88 -25.82 -5.02
CA LYS A 258 -13.19 -24.51 -5.62
C LYS A 258 -13.81 -23.58 -4.58
N PRO A 259 -13.87 -22.27 -4.86
CA PRO A 259 -14.34 -21.30 -3.86
C PRO A 259 -15.71 -21.59 -3.28
N ARG A 260 -16.70 -21.81 -4.14
CA ARG A 260 -18.02 -22.14 -3.60
C ARG A 260 -17.94 -23.34 -2.66
N THR A 261 -17.23 -24.39 -3.09
CA THR A 261 -17.12 -25.59 -2.24
C THR A 261 -16.43 -25.24 -0.92
N LEU A 262 -15.34 -24.45 -0.98
CA LEU A 262 -14.62 -24.06 0.23
C LEU A 262 -15.57 -23.40 1.21
N LEU A 263 -16.36 -22.42 0.72
CA LEU A 263 -17.33 -21.75 1.62
C LEU A 263 -18.33 -22.74 2.22
N ASP A 264 -18.87 -23.67 1.40
CA ASP A 264 -19.82 -24.67 1.94
C ASP A 264 -19.16 -25.56 2.99
N TYR A 265 -17.94 -26.00 2.76
CA TYR A 265 -17.21 -26.85 3.73
C TYR A 265 -16.95 -26.08 5.05
N TRP A 266 -16.58 -24.83 4.94
CA TRP A 266 -16.31 -23.99 6.13
C TRP A 266 -17.61 -23.88 6.94
N GLN A 267 -18.71 -23.63 6.23
CA GLN A 267 -20.02 -23.54 6.91
C GLN A 267 -20.40 -24.84 7.59
N ALA A 268 -20.13 -25.98 6.92
CA ALA A 268 -20.37 -27.29 7.53
C ALA A 268 -19.66 -27.43 8.85
N LEU A 269 -18.36 -27.14 8.85
CA LEU A 269 -17.56 -27.23 10.05
C LEU A 269 -18.07 -26.26 11.12
N GLU A 270 -18.52 -25.06 10.72
CA GLU A 270 -19.09 -24.16 11.71
C GLU A 270 -20.40 -24.71 12.28
N ASN A 271 -21.31 -25.15 11.40
CA ASN A 271 -22.60 -25.70 11.82
C ASN A 271 -22.46 -26.90 12.76
N SER A 272 -21.43 -27.71 12.59
CA SER A 272 -21.28 -28.91 13.41
C SER A 272 -20.29 -28.71 14.56
N ARG A 273 -19.79 -27.51 14.78
CA ARG A 273 -18.88 -27.29 15.90
C ARG A 273 -19.59 -27.64 17.20
N GLY A 274 -19.05 -28.55 17.97
CA GLY A 274 -19.80 -28.86 19.19
C GLY A 274 -20.31 -30.27 19.19
N GLU A 275 -20.44 -30.85 18.00
CA GLU A 275 -20.79 -32.29 17.98
C GLU A 275 -19.49 -33.06 18.16
N ASP A 276 -19.61 -34.32 18.57
CA ASP A 276 -18.38 -35.11 18.69
C ASP A 276 -18.34 -36.15 17.57
N CYS A 277 -17.12 -36.57 17.23
CA CYS A 277 -16.96 -37.53 16.13
C CYS A 277 -16.43 -38.86 16.71
N PRO A 278 -16.69 -40.02 16.08
CA PRO A 278 -16.09 -41.25 16.55
C PRO A 278 -14.72 -40.96 17.13
N ASN B 13 11.01 27.33 -16.22
CA ASN B 13 10.94 25.94 -16.75
C ASN B 13 9.54 25.38 -16.53
N PHE B 14 8.51 26.13 -16.88
CA PHE B 14 7.12 25.71 -16.56
C PHE B 14 6.39 25.27 -17.82
N LEU B 15 6.20 23.96 -17.96
CA LEU B 15 5.53 23.40 -19.15
C LEU B 15 4.19 24.11 -19.38
N LYS B 16 3.43 24.32 -18.31
CA LYS B 16 2.16 25.07 -18.41
C LYS B 16 2.18 26.12 -17.30
N LEU B 17 1.77 27.35 -17.59
CA LEU B 17 1.87 28.42 -16.59
C LEU B 17 0.54 29.16 -16.50
N PRO B 18 0.00 29.37 -15.27
CA PRO B 18 -1.21 30.14 -15.10
C PRO B 18 -1.04 31.53 -15.67
N ASP B 19 -1.97 31.89 -16.53
CA ASP B 19 -1.98 33.25 -17.11
C ASP B 19 -2.46 34.22 -16.02
N THR B 20 -1.52 34.93 -15.40
CA THR B 20 -1.89 35.82 -14.28
C THR B 20 -0.90 36.95 -14.17
N ASP B 21 -1.31 38.09 -13.61
CA ASP B 21 -0.33 39.16 -13.30
C ASP B 21 -0.58 39.54 -11.85
N CYS B 22 0.09 38.85 -10.95
CA CYS B 22 -0.15 39.11 -9.52
C CYS B 22 0.28 40.55 -9.20
N ARG B 23 1.26 41.08 -9.94
CA ARG B 23 1.76 42.46 -9.67
C ARG B 23 0.60 43.41 -9.92
N GLN B 24 -0.10 43.20 -11.03
CA GLN B 24 -1.30 44.00 -11.32
C GLN B 24 -2.28 43.80 -10.18
N THR B 25 -2.76 42.56 -9.98
CA THR B 25 -3.78 42.29 -8.94
C THR B 25 -3.17 41.42 -7.84
N PRO B 26 -2.44 41.94 -6.82
CA PRO B 26 -1.89 41.06 -5.78
C PRO B 26 -3.01 40.29 -5.09
N PRO B 27 -3.00 38.95 -5.18
CA PRO B 27 -4.04 38.17 -4.53
C PRO B 27 -3.86 38.15 -3.02
N PHE B 28 -4.98 37.99 -2.30
CA PHE B 28 -4.92 37.80 -0.86
C PHE B 28 -4.63 36.35 -0.51
N LEU B 29 -5.29 35.41 -1.18
CA LEU B 29 -5.04 34.01 -0.89
C LEU B 29 -4.83 33.27 -2.20
N VAL B 30 -3.70 32.58 -2.30
CA VAL B 30 -3.41 31.71 -3.44
C VAL B 30 -3.45 30.27 -2.93
N LEU B 31 -4.27 29.43 -3.57
CA LEU B 31 -4.36 28.01 -3.29
C LEU B 31 -3.60 27.24 -4.36
N LEU B 32 -2.65 26.38 -3.93
CA LEU B 32 -1.91 25.47 -4.81
C LEU B 32 -2.33 24.03 -4.48
N VAL B 33 -3.01 23.37 -5.41
CA VAL B 33 -3.65 22.07 -5.18
C VAL B 33 -2.91 20.97 -5.92
N THR B 34 -2.49 19.93 -5.17
CA THR B 34 -1.82 18.79 -5.77
C THR B 34 -2.87 17.82 -6.32
N SER B 35 -2.59 17.28 -7.50
CA SER B 35 -3.48 16.29 -8.10
C SER B 35 -2.70 15.45 -9.10
N SER B 36 -3.21 14.24 -9.36
CA SER B 36 -2.70 13.37 -10.41
C SER B 36 -3.46 13.60 -11.72
N HIS B 37 -2.81 13.23 -12.82
CA HIS B 37 -3.41 13.42 -14.13
C HIS B 37 -4.81 12.81 -14.21
N LYS B 38 -4.99 11.63 -13.64
CA LYS B 38 -6.26 10.92 -13.79
C LYS B 38 -7.40 11.53 -12.96
N GLN B 39 -7.09 12.36 -11.95
CA GLN B 39 -8.09 12.81 -10.99
C GLN B 39 -8.91 13.99 -11.51
N LEU B 40 -9.44 13.88 -12.72
CA LEU B 40 -10.29 14.94 -13.28
C LEU B 40 -11.49 15.20 -12.35
N ALA B 41 -12.12 14.13 -11.88
CA ALA B 41 -13.28 14.33 -11.02
C ALA B 41 -12.95 15.25 -9.85
N GLU B 42 -11.81 14.99 -9.20
CA GLU B 42 -11.38 15.83 -8.08
C GLU B 42 -11.24 17.29 -8.50
N ARG B 43 -10.47 17.55 -9.56
CA ARG B 43 -10.22 18.93 -9.96
C ARG B 43 -11.53 19.64 -10.33
N MET B 44 -12.42 18.95 -11.02
CA MET B 44 -13.69 19.56 -11.38
C MET B 44 -14.53 19.86 -10.16
N ALA B 45 -14.51 18.97 -9.17
CA ALA B 45 -15.25 19.21 -7.94
C ALA B 45 -14.71 20.43 -7.23
N ILE B 46 -13.39 20.59 -7.22
CA ILE B 46 -12.78 21.73 -6.55
C ILE B 46 -13.15 23.01 -7.29
N ARG B 47 -13.11 22.98 -8.62
CA ARG B 47 -13.44 24.17 -9.39
C ARG B 47 -14.90 24.57 -9.19
N GLN B 48 -15.75 23.57 -8.93
CA GLN B 48 -17.19 23.84 -8.68
C GLN B 48 -17.39 24.25 -7.22
N THR B 49 -16.50 23.80 -6.32
CA THR B 49 -16.72 24.08 -4.89
C THR B 49 -15.82 25.19 -4.41
N TRP B 50 -14.95 24.92 -3.43
CA TRP B 50 -14.13 26.00 -2.83
C TRP B 50 -13.14 26.60 -3.81
N GLY B 51 -12.68 25.82 -4.80
CA GLY B 51 -11.64 26.39 -5.64
C GLY B 51 -12.11 27.48 -6.59
N LYS B 52 -13.41 27.76 -6.63
CA LYS B 52 -13.96 28.78 -7.52
C LYS B 52 -13.37 30.15 -7.16
N GLU B 53 -12.76 30.81 -8.15
CA GLU B 53 -12.08 32.09 -7.90
C GLU B 53 -13.11 33.20 -7.69
N ARG B 54 -12.87 34.05 -6.69
CA ARG B 54 -13.87 35.04 -6.32
C ARG B 54 -13.30 36.02 -5.30
N MET B 55 -14.17 36.97 -4.97
CA MET B 55 -13.83 37.99 -3.96
C MET B 55 -14.37 37.50 -2.62
N VAL B 56 -13.54 37.57 -1.60
CA VAL B 56 -13.89 37.12 -0.26
C VAL B 56 -13.65 38.31 0.66
N LYS B 57 -14.71 38.95 1.12
CA LYS B 57 -14.56 40.17 1.92
C LYS B 57 -13.66 41.17 1.23
N GLY B 58 -13.76 41.25 -0.10
CA GLY B 58 -12.94 42.19 -0.85
C GLY B 58 -11.49 41.77 -1.07
N LYS B 59 -11.23 40.48 -0.84
CA LYS B 59 -9.87 39.95 -1.01
C LYS B 59 -9.89 38.92 -2.16
N GLN B 60 -8.85 38.93 -2.98
CA GLN B 60 -8.87 38.06 -4.15
C GLN B 60 -8.44 36.64 -3.79
N LEU B 61 -9.23 35.65 -4.23
CA LEU B 61 -8.89 34.23 -4.10
C LEU B 61 -8.49 33.67 -5.46
N LYS B 62 -7.31 33.03 -5.51
CA LYS B 62 -6.83 32.38 -6.71
C LYS B 62 -6.59 30.89 -6.46
N THR B 63 -6.87 30.07 -7.45
CA THR B 63 -6.73 28.62 -7.30
C THR B 63 -6.02 28.04 -8.50
N PHE B 64 -4.92 27.33 -8.25
CA PHE B 64 -4.14 26.66 -9.28
C PHE B 64 -3.91 25.21 -8.91
N PHE B 65 -3.76 24.37 -9.92
CA PHE B 65 -3.48 22.96 -9.74
C PHE B 65 -2.05 22.67 -10.18
N LEU B 66 -1.29 22.03 -9.30
CA LEU B 66 0.10 21.67 -9.56
C LEU B 66 0.14 20.27 -10.18
N LEU B 67 0.66 20.22 -11.42
CA LEU B 67 0.72 18.93 -12.13
C LEU B 67 2.15 18.74 -12.63
N GLY B 68 2.64 17.50 -12.64
CA GLY B 68 3.95 17.22 -13.24
C GLY B 68 3.72 16.60 -14.61
N THR B 69 4.43 15.51 -14.92
CA THR B 69 4.27 14.84 -16.22
C THR B 69 4.00 13.38 -16.02
N THR B 70 3.51 12.71 -17.06
CA THR B 70 3.24 11.28 -16.97
C THR B 70 3.57 10.65 -18.31
N SER B 71 3.83 9.35 -18.28
CA SER B 71 4.10 8.64 -19.52
C SER B 71 2.84 8.42 -20.35
N SER B 72 1.69 8.20 -19.69
CA SER B 72 0.45 7.89 -20.41
C SER B 72 0.12 8.95 -21.44
N ALA B 73 -0.20 8.51 -22.65
CA ALA B 73 -0.57 9.45 -23.74
C ALA B 73 -2.00 9.91 -23.50
N ALA B 74 -2.87 8.95 -23.18
CA ALA B 74 -4.31 9.26 -22.96
C ALA B 74 -4.43 10.43 -21.98
N GLU B 75 -3.81 10.27 -20.83
CA GLU B 75 -3.85 11.32 -19.78
C GLU B 75 -3.21 12.61 -20.30
N THR B 76 -1.99 12.55 -20.81
CA THR B 76 -1.30 13.79 -21.20
C THR B 76 -2.18 14.51 -22.21
N LYS B 77 -2.92 13.70 -23.02
CA LYS B 77 -3.90 14.32 -23.94
C LYS B 77 -4.95 15.08 -23.10
N GLU B 78 -5.55 14.45 -22.13
CA GLU B 78 -6.67 15.05 -21.35
C GLU B 78 -6.25 16.34 -20.65
N VAL B 79 -5.13 16.33 -19.94
CA VAL B 79 -4.74 17.52 -19.13
C VAL B 79 -4.52 18.76 -20.01
N ASP B 80 -3.98 18.60 -21.22
CA ASP B 80 -3.63 19.81 -22.02
C ASP B 80 -4.91 20.55 -22.40
N GLN B 81 -5.84 19.80 -22.98
CA GLN B 81 -7.15 20.41 -23.33
C GLN B 81 -7.75 21.02 -22.06
N GLU B 82 -7.60 20.32 -20.94
CA GLU B 82 -8.10 20.88 -19.66
C GLU B 82 -7.36 22.19 -19.37
N SER B 83 -6.06 22.25 -19.68
CA SER B 83 -5.30 23.49 -19.35
C SER B 83 -5.90 24.62 -20.18
N GLN B 84 -6.08 24.36 -21.47
CA GLN B 84 -6.65 25.37 -22.38
C GLN B 84 -8.01 25.78 -21.82
N ARG B 85 -8.86 24.81 -21.48
CA ARG B 85 -10.23 25.12 -21.00
C ARG B 85 -10.20 25.82 -19.64
N HIS B 86 -9.10 25.75 -18.90
CA HIS B 86 -9.15 26.31 -17.52
C HIS B 86 -8.02 27.29 -17.17
N GLY B 87 -6.80 27.10 -17.70
CA GLY B 87 -5.68 28.03 -17.46
C GLY B 87 -5.14 27.92 -16.04
N ASP B 88 -5.67 27.00 -15.24
CA ASP B 88 -5.28 26.91 -13.81
C ASP B 88 -4.35 25.73 -13.57
N ILE B 89 -3.39 25.47 -14.46
CA ILE B 89 -2.41 24.37 -14.24
C ILE B 89 -0.96 24.91 -14.19
N ILE B 90 -0.25 24.74 -13.05
CA ILE B 90 1.20 25.07 -12.97
C ILE B 90 1.91 23.73 -13.20
N GLN B 91 2.63 23.58 -14.32
CA GLN B 91 3.20 22.25 -14.67
C GLN B 91 4.72 22.36 -14.92
N LYS B 92 5.43 21.22 -14.94
CA LYS B 92 6.90 21.15 -15.15
C LYS B 92 7.24 19.69 -15.57
N ASP B 93 8.43 19.42 -16.14
CA ASP B 93 8.73 18.07 -16.69
C ASP B 93 9.42 17.11 -15.69
N PHE B 94 8.72 16.83 -14.60
CA PHE B 94 9.22 15.89 -13.55
C PHE B 94 8.18 14.79 -13.42
N LEU B 95 8.66 13.56 -13.24
CA LEU B 95 7.75 12.39 -13.17
C LEU B 95 6.74 12.60 -12.03
N ASP B 96 5.47 12.70 -12.40
CA ASP B 96 4.45 12.93 -11.38
C ASP B 96 4.12 11.65 -10.61
N VAL B 97 4.86 11.42 -9.54
CA VAL B 97 4.67 10.19 -8.73
C VAL B 97 4.64 10.63 -7.27
N TYR B 98 4.10 9.78 -6.41
CA TYR B 98 4.04 10.12 -4.98
C TYR B 98 5.40 10.57 -4.54
N TYR B 99 6.45 9.91 -4.97
CA TYR B 99 7.81 10.20 -4.43
C TYR B 99 8.45 11.42 -5.07
N ASN B 100 7.72 12.11 -5.94
CA ASN B 100 8.24 13.39 -6.48
C ASN B 100 7.42 14.55 -5.93
N LEU B 101 6.78 14.35 -4.79
CA LEU B 101 5.87 15.39 -4.22
C LEU B 101 6.70 16.53 -3.61
N THR B 102 7.94 16.26 -3.21
CA THR B 102 8.79 17.32 -2.68
C THR B 102 9.09 18.27 -3.83
N LEU B 103 9.12 17.74 -5.05
CA LEU B 103 9.33 18.56 -6.25
C LEU B 103 8.03 19.31 -6.59
N LYS B 104 6.88 18.62 -6.55
CA LYS B 104 5.58 19.32 -6.79
C LYS B 104 5.48 20.44 -5.74
N THR B 105 5.89 20.19 -4.50
CA THR B 105 5.76 21.28 -3.54
C THR B 105 6.77 22.39 -3.84
N MET B 106 8.03 22.02 -4.07
CA MET B 106 9.00 23.09 -4.34
C MET B 106 8.67 23.82 -5.64
N MET B 107 8.13 23.10 -6.62
CA MET B 107 7.69 23.81 -7.84
C MET B 107 6.74 24.94 -7.43
N GLY B 108 5.67 24.57 -6.72
CA GLY B 108 4.70 25.59 -6.33
C GLY B 108 5.36 26.72 -5.57
N ILE B 109 6.27 26.39 -4.65
CA ILE B 109 6.89 27.47 -3.89
C ILE B 109 7.66 28.35 -4.84
N GLU B 110 8.45 27.75 -5.71
CA GLU B 110 9.23 28.53 -6.71
C GLU B 110 8.29 29.50 -7.44
N TRP B 111 7.14 29.02 -7.88
CA TRP B 111 6.20 29.86 -8.67
C TRP B 111 5.74 31.05 -7.84
N VAL B 112 5.37 30.79 -6.58
CA VAL B 112 4.98 31.93 -5.74
C VAL B 112 6.10 32.94 -5.68
N HIS B 113 7.34 32.46 -5.58
CA HIS B 113 8.49 33.34 -5.45
C HIS B 113 8.76 34.08 -6.76
N ARG B 114 8.44 33.44 -7.87
CA ARG B 114 8.76 34.06 -9.17
C ARG B 114 7.60 34.90 -9.67
N PHE B 115 6.40 34.33 -9.74
CA PHE B 115 5.27 35.04 -10.40
C PHE B 115 4.19 35.56 -9.46
N CYS B 116 4.30 35.38 -8.15
CA CYS B 116 3.22 35.92 -7.33
C CYS B 116 3.70 36.26 -5.92
N PRO B 117 4.84 36.93 -5.77
CA PRO B 117 5.32 37.30 -4.42
C PRO B 117 4.47 38.36 -3.73
N GLN B 118 3.55 39.01 -4.44
CA GLN B 118 2.65 39.95 -3.79
C GLN B 118 1.61 39.23 -2.96
N ALA B 119 1.43 37.92 -3.17
CA ALA B 119 0.38 37.19 -2.48
C ALA B 119 0.51 37.40 -0.98
N ALA B 120 -0.60 37.75 -0.34
CA ALA B 120 -0.53 37.89 1.11
C ALA B 120 -0.33 36.53 1.78
N PHE B 121 -1.10 35.52 1.36
CA PHE B 121 -1.03 34.20 1.98
C PHE B 121 -1.14 33.12 0.90
N VAL B 122 -0.48 32.00 1.17
CA VAL B 122 -0.45 30.87 0.24
C VAL B 122 -0.80 29.61 1.01
N MET B 123 -1.73 28.83 0.48
CA MET B 123 -2.09 27.53 1.02
C MET B 123 -1.70 26.45 0.01
N LYS B 124 -0.91 25.48 0.44
CA LYS B 124 -0.64 24.28 -0.32
C LYS B 124 -1.52 23.17 0.23
N THR B 125 -2.31 22.53 -0.65
CA THR B 125 -3.31 21.55 -0.20
C THR B 125 -3.39 20.32 -1.11
N ASP B 126 -3.99 19.26 -0.57
CA ASP B 126 -4.33 18.03 -1.27
C ASP B 126 -5.61 18.19 -2.07
N SER B 127 -5.86 17.26 -2.99
CA SER B 127 -7.08 17.29 -3.79
C SER B 127 -8.26 16.59 -3.11
N ASP B 128 -8.03 15.75 -2.10
CA ASP B 128 -9.14 15.09 -1.43
C ASP B 128 -9.54 15.83 -0.16
N MET B 129 -9.82 17.13 -0.33
CA MET B 129 -10.00 18.07 0.77
C MET B 129 -11.26 18.88 0.56
N PHE B 130 -11.88 19.26 1.66
CA PHE B 130 -12.81 20.37 1.71
C PHE B 130 -12.09 21.55 2.38
N ILE B 131 -12.12 22.71 1.74
CA ILE B 131 -11.48 23.93 2.26
C ILE B 131 -12.57 24.98 2.44
N ASN B 132 -12.58 25.61 3.59
CA ASN B 132 -13.47 26.74 3.86
C ASN B 132 -12.64 28.01 3.68
N VAL B 133 -12.70 28.58 2.48
CA VAL B 133 -11.96 29.80 2.17
C VAL B 133 -12.50 31.01 2.95
N ASP B 134 -13.80 31.08 3.19
CA ASP B 134 -14.35 32.20 3.96
C ASP B 134 -13.83 32.19 5.40
N TYR B 135 -13.87 31.05 6.07
CA TYR B 135 -13.37 31.04 7.44
C TYR B 135 -11.85 31.21 7.45
N LEU B 136 -11.16 30.59 6.48
CA LEU B 136 -9.72 30.76 6.41
C LEU B 136 -9.36 32.23 6.34
N THR B 137 -10.03 32.95 5.43
CA THR B 137 -9.81 34.39 5.28
C THR B 137 -10.09 35.15 6.58
N GLU B 138 -11.22 34.85 7.20
CA GLU B 138 -11.54 35.50 8.46
C GLU B 138 -10.43 35.28 9.49
N LEU B 139 -9.93 34.05 9.59
CA LEU B 139 -8.92 33.77 10.59
C LEU B 139 -7.58 34.39 10.22
N LEU B 140 -7.27 34.45 8.93
CA LEU B 140 -6.01 35.06 8.53
C LEU B 140 -6.01 36.54 8.89
N LEU B 141 -7.09 37.24 8.54
CA LEU B 141 -7.20 38.65 8.90
C LEU B 141 -7.14 38.85 10.40
N LYS B 142 -7.78 37.97 11.17
CA LYS B 142 -7.76 38.16 12.61
C LYS B 142 -6.42 37.82 13.23
N LYS B 143 -5.72 36.81 12.69
CA LYS B 143 -4.43 36.45 13.26
C LYS B 143 -3.44 37.57 13.02
N ASN B 144 -3.57 38.25 11.88
CA ASN B 144 -2.76 39.47 11.66
C ASN B 144 -1.27 39.13 11.75
N ARG B 145 -0.87 38.06 11.09
CA ARG B 145 0.53 37.66 11.03
C ARG B 145 0.86 37.60 9.55
N THR B 146 1.50 38.65 9.04
CA THR B 146 1.67 38.87 7.61
C THR B 146 3.08 38.58 7.11
N THR B 147 4.02 38.27 8.00
CA THR B 147 5.35 37.90 7.55
C THR B 147 5.88 36.73 8.38
N ARG B 148 6.70 35.89 7.72
CA ARG B 148 7.33 34.75 8.39
C ARG B 148 6.30 33.94 9.18
N PHE B 149 5.16 33.70 8.54
CA PHE B 149 4.03 33.00 9.15
C PHE B 149 3.84 31.63 8.48
N PHE B 150 3.67 30.62 9.34
CA PHE B 150 3.44 29.23 8.84
C PHE B 150 2.54 28.49 9.81
N THR B 151 1.42 27.98 9.29
CA THR B 151 0.45 27.30 10.13
C THR B 151 -0.19 26.13 9.38
N GLY B 152 -1.00 25.37 10.11
CA GLY B 152 -1.71 24.19 9.60
C GLY B 152 -1.99 23.23 10.74
N PHE B 153 -1.93 21.94 10.43
CA PHE B 153 -1.98 20.93 11.50
C PHE B 153 -0.53 20.68 11.92
N LEU B 154 -0.16 21.19 13.09
CA LEU B 154 1.21 21.10 13.60
C LEU B 154 1.51 19.68 14.05
N LYS B 155 2.66 19.15 13.65
CA LYS B 155 3.17 17.83 14.01
C LYS B 155 4.56 18.04 14.61
N LEU B 156 4.65 18.06 15.95
CA LEU B 156 5.82 18.57 16.66
C LEU B 156 6.77 17.52 17.26
N ASN B 157 6.35 16.27 17.37
CA ASN B 157 7.20 15.23 17.96
C ASN B 157 7.18 13.98 17.05
N GLU B 158 7.56 14.18 15.81
CA GLU B 158 7.45 13.14 14.80
C GLU B 158 8.80 12.45 14.62
N PHE B 159 8.73 11.15 14.30
CA PHE B 159 9.91 10.35 14.05
C PHE B 159 9.82 9.73 12.66
N PRO B 160 10.94 9.60 11.95
CA PRO B 160 10.89 8.92 10.64
C PRO B 160 10.29 7.52 10.78
N ILE B 161 9.51 7.15 9.77
CA ILE B 161 8.85 5.85 9.73
C ILE B 161 9.79 4.86 9.07
N ARG B 162 10.24 3.85 9.84
CA ARG B 162 11.21 2.85 9.40
C ARG B 162 10.56 1.53 8.95
N GLN B 163 9.24 1.43 8.96
CA GLN B 163 8.56 0.25 8.49
C GLN B 163 8.56 0.18 6.97
N PRO B 164 9.27 -0.77 6.35
CA PRO B 164 9.47 -0.72 4.88
C PRO B 164 8.18 -0.87 4.10
N PHE B 165 7.08 -1.29 4.74
CA PHE B 165 5.83 -1.36 3.98
C PHE B 165 5.05 -0.06 3.99
N SER B 166 5.50 0.96 4.73
CA SER B 166 4.79 2.23 4.76
C SER B 166 5.06 3.06 3.49
N LYS B 167 4.01 3.73 2.97
CA LYS B 167 4.26 4.70 1.90
C LYS B 167 5.17 5.85 2.37
N TRP B 168 5.25 6.10 3.67
CA TRP B 168 6.11 7.13 4.21
C TRP B 168 7.43 6.57 4.75
N PHE B 169 7.80 5.35 4.33
CA PHE B 169 9.08 4.77 4.73
C PHE B 169 10.24 5.61 4.20
N VAL B 170 11.23 5.87 5.06
CA VAL B 170 12.51 6.45 4.66
C VAL B 170 13.64 5.62 5.26
N SER B 171 14.62 5.24 4.45
CA SER B 171 15.79 4.52 4.96
C SER B 171 16.67 5.43 5.81
N LYS B 172 17.63 4.83 6.50
CA LYS B 172 18.59 5.61 7.28
C LYS B 172 19.54 6.39 6.39
N SER B 173 19.65 6.02 5.12
CA SER B 173 20.40 6.87 4.20
C SER B 173 19.52 8.00 3.64
N GLU B 174 18.21 7.78 3.49
CA GLU B 174 17.30 8.83 3.04
C GLU B 174 17.17 9.92 4.12
N TYR B 175 17.09 9.51 5.38
CA TYR B 175 17.03 10.44 6.49
C TYR B 175 17.71 9.78 7.67
N PRO B 176 18.90 10.23 8.05
CA PRO B 176 19.74 9.50 9.01
C PRO B 176 19.54 9.85 10.48
N TRP B 177 18.65 10.76 10.87
CA TRP B 177 18.57 11.11 12.29
C TRP B 177 17.32 10.50 12.91
N ASP B 178 17.28 10.57 14.24
CA ASP B 178 16.24 9.89 15.02
C ASP B 178 14.90 10.64 14.98
N ARG B 179 14.92 11.97 14.85
CA ARG B 179 13.69 12.75 14.94
C ARG B 179 13.57 13.64 13.71
N TYR B 180 12.30 13.99 13.37
CA TYR B 180 11.97 14.96 12.35
C TYR B 180 11.92 16.36 12.96
N PRO B 181 12.14 17.40 12.15
CA PRO B 181 11.88 18.76 12.67
C PRO B 181 10.39 18.94 12.87
N PRO B 182 9.96 19.98 13.61
CA PRO B 182 8.54 20.36 13.61
C PRO B 182 8.08 20.58 12.17
N PHE B 183 6.87 20.14 11.82
CA PHE B 183 6.32 20.41 10.49
C PHE B 183 4.81 20.31 10.57
N CYS B 184 4.15 20.65 9.46
CA CYS B 184 2.70 20.57 9.37
C CYS B 184 2.26 19.50 8.37
N SER B 185 1.11 18.88 8.65
CA SER B 185 0.55 17.90 7.73
C SER B 185 0.49 18.44 6.31
N GLY B 186 1.04 17.68 5.37
CA GLY B 186 0.98 18.02 3.97
C GLY B 186 -0.39 18.02 3.37
N THR B 187 -1.40 17.49 4.08
CA THR B 187 -2.77 17.60 3.59
C THR B 187 -3.18 19.05 3.33
N GLY B 188 -2.68 19.98 4.14
CA GLY B 188 -3.00 21.40 3.90
C GLY B 188 -2.31 22.31 4.88
N TYR B 189 -1.46 23.21 4.38
CA TYR B 189 -0.85 24.19 5.26
C TYR B 189 -0.83 25.56 4.60
N VAL B 190 -0.66 26.62 5.42
CA VAL B 190 -0.77 28.01 4.97
C VAL B 190 0.42 28.79 5.49
N PHE B 191 0.95 29.69 4.67
CA PHE B 191 2.08 30.51 5.09
C PHE B 191 1.94 31.90 4.45
N SER B 192 2.59 32.91 5.05
CA SER B 192 2.62 34.24 4.43
C SER B 192 3.46 34.16 3.16
N GLY B 193 3.09 34.98 2.17
CA GLY B 193 3.72 34.92 0.86
C GLY B 193 5.24 35.08 0.88
N ASP B 194 5.77 35.91 1.79
CA ASP B 194 7.22 36.10 1.91
C ASP B 194 7.97 34.79 2.22
N VAL B 195 7.32 33.89 2.96
CA VAL B 195 7.95 32.60 3.28
C VAL B 195 8.29 31.84 2.01
N ALA B 196 7.46 31.97 0.97
CA ALA B 196 7.77 31.27 -0.28
C ALA B 196 9.17 31.65 -0.75
N SER B 197 9.49 32.94 -0.72
CA SER B 197 10.82 33.36 -1.18
C SER B 197 11.90 32.85 -0.24
N GLN B 198 11.67 32.95 1.07
CA GLN B 198 12.72 32.52 2.00
C GLN B 198 13.00 31.01 1.89
N VAL B 199 11.94 30.21 1.81
CA VAL B 199 12.06 28.76 1.70
C VAL B 199 12.76 28.38 0.40
N TYR B 200 12.32 28.97 -0.73
CA TYR B 200 12.98 28.65 -1.99
C TYR B 200 14.46 29.02 -1.95
N ASN B 201 14.79 30.17 -1.36
CA ASN B 201 16.19 30.59 -1.32
C ASN B 201 17.04 29.63 -0.49
N VAL B 202 16.49 29.08 0.58
CA VAL B 202 17.28 28.21 1.45
C VAL B 202 17.24 26.75 1.01
N SER B 203 16.28 26.37 0.16
CA SER B 203 16.00 24.95 -0.09
C SER B 203 17.25 24.17 -0.53
N LYS B 204 18.06 24.74 -1.43
CA LYS B 204 19.15 23.95 -2.00
C LYS B 204 20.28 23.72 -1.00
N SER B 205 20.25 24.37 0.16
CA SER B 205 21.25 24.09 1.19
C SER B 205 20.73 23.16 2.27
N VAL B 206 19.46 22.77 2.22
CA VAL B 206 18.80 21.93 3.23
C VAL B 206 18.83 20.48 2.77
N PRO B 207 19.18 19.53 3.62
CA PRO B 207 19.15 18.11 3.19
C PRO B 207 17.81 17.73 2.60
N TYR B 208 17.84 17.15 1.40
CA TYR B 208 16.63 16.74 0.72
C TYR B 208 15.97 15.52 1.39
N ILE B 209 14.65 15.51 1.37
CA ILE B 209 13.86 14.34 1.74
C ILE B 209 12.67 14.26 0.81
N LYS B 210 12.30 13.04 0.44
CA LYS B 210 11.24 12.85 -0.55
C LYS B 210 9.83 13.10 0.02
N LEU B 211 9.68 13.34 1.32
CA LEU B 211 8.38 13.67 1.92
C LEU B 211 8.29 15.21 2.04
N GLU B 212 7.38 15.80 1.25
CA GLU B 212 7.38 17.24 1.03
C GLU B 212 7.17 18.02 2.34
N ASP B 213 6.21 17.61 3.17
CA ASP B 213 5.93 18.40 4.37
C ASP B 213 7.10 18.38 5.35
N VAL B 214 7.80 17.25 5.46
CA VAL B 214 8.99 17.21 6.30
C VAL B 214 10.06 18.15 5.73
N PHE B 215 10.29 18.08 4.42
CA PHE B 215 11.30 18.95 3.82
C PHE B 215 11.01 20.43 4.11
N VAL B 216 9.77 20.85 3.93
CA VAL B 216 9.44 22.24 4.25
C VAL B 216 9.74 22.52 5.72
N GLY B 217 9.37 21.60 6.64
CA GLY B 217 9.75 21.80 8.04
C GLY B 217 11.25 22.00 8.24
N LEU B 218 12.08 21.24 7.51
CA LEU B 218 13.54 21.45 7.58
C LEU B 218 13.94 22.86 7.14
N CYS B 219 13.34 23.34 6.04
CA CYS B 219 13.66 24.69 5.58
C CYS B 219 13.24 25.73 6.61
N LEU B 220 12.02 25.59 7.13
CA LEU B 220 11.52 26.53 8.14
C LEU B 220 12.42 26.54 9.36
N GLU B 221 12.89 25.37 9.77
CA GLU B 221 13.82 25.27 10.89
C GLU B 221 15.13 26.02 10.60
N ARG B 222 15.69 25.82 9.39
CA ARG B 222 16.90 26.53 9.01
C ARG B 222 16.72 28.04 9.08
N LEU B 223 15.49 28.52 8.82
CA LEU B 223 15.19 29.98 8.74
C LEU B 223 14.74 30.57 10.09
N ASN B 224 14.63 29.74 11.13
CA ASN B 224 14.16 30.18 12.48
C ASN B 224 12.69 30.62 12.42
N ILE B 225 11.92 30.14 11.45
CA ILE B 225 10.45 30.43 11.41
C ILE B 225 9.73 29.37 12.26
N ARG B 226 9.19 29.79 13.38
CA ARG B 226 8.53 28.83 14.30
C ARG B 226 7.08 28.60 13.86
N LEU B 227 6.61 27.35 13.93
CA LEU B 227 5.22 27.02 13.55
C LEU B 227 4.25 27.64 14.55
N GLU B 228 3.12 28.12 14.06
CA GLU B 228 2.09 28.68 14.96
C GLU B 228 0.68 28.13 14.67
N GLU B 229 -0.14 27.98 15.69
CA GLU B 229 -1.56 27.60 15.46
C GLU B 229 -2.32 28.79 14.88
N LEU B 230 -3.23 28.54 13.95
CA LEU B 230 -3.98 29.60 13.30
C LEU B 230 -5.07 30.19 14.20
N HIS B 231 -5.55 29.45 15.19
CA HIS B 231 -6.69 29.87 15.98
C HIS B 231 -6.67 29.12 17.31
N SER B 232 -7.51 29.55 18.25
CA SER B 232 -7.58 28.90 19.56
C SER B 232 -8.18 27.51 19.48
N GLN B 233 -8.97 27.22 18.46
CA GLN B 233 -9.58 25.90 18.22
C GLN B 233 -8.95 25.25 17.00
N PRO B 234 -8.90 23.92 16.96
CA PRO B 234 -8.39 23.24 15.77
C PRO B 234 -9.22 23.60 14.55
N THR B 235 -8.52 23.84 13.46
CA THR B 235 -9.17 24.17 12.20
C THR B 235 -8.73 23.30 11.03
N PHE B 236 -7.60 22.57 11.14
CA PHE B 236 -7.16 21.64 10.11
C PHE B 236 -7.36 20.19 10.59
N PHE B 237 -7.88 19.32 9.73
CA PHE B 237 -8.23 17.94 10.12
C PHE B 237 -7.71 16.92 9.13
N PRO B 238 -6.41 16.58 9.20
CA PRO B 238 -5.88 15.56 8.28
C PRO B 238 -6.56 14.20 8.45
N GLY B 239 -7.17 13.93 9.61
CA GLY B 239 -7.88 12.70 9.89
C GLY B 239 -9.34 12.66 9.47
N GLY B 240 -9.88 13.77 8.94
CA GLY B 240 -11.28 13.84 8.56
C GLY B 240 -12.21 14.19 9.71
N LEU B 241 -13.47 14.42 9.35
CA LEU B 241 -14.48 14.88 10.30
C LEU B 241 -15.85 14.33 9.91
N ARG B 242 -16.70 14.15 10.94
CA ARG B 242 -18.13 13.92 10.72
C ARG B 242 -18.78 15.21 10.24
N PHE B 243 -19.47 15.16 9.11
CA PHE B 243 -19.97 16.39 8.54
C PHE B 243 -21.18 16.92 9.32
N SER B 244 -21.17 18.24 9.53
CA SER B 244 -22.33 19.03 9.87
C SER B 244 -22.10 20.43 9.32
N VAL B 245 -23.20 21.07 8.91
CA VAL B 245 -23.14 22.45 8.44
C VAL B 245 -22.50 23.34 9.50
N CYS B 246 -22.93 23.16 10.75
CA CYS B 246 -22.45 24.03 11.83
C CYS B 246 -20.97 23.82 12.08
N LEU B 247 -20.51 22.58 12.02
CA LEU B 247 -19.10 22.32 12.22
C LEU B 247 -18.29 22.85 11.04
N PHE B 248 -18.74 22.61 9.82
CA PHE B 248 -17.94 22.95 8.67
C PHE B 248 -17.93 24.43 8.39
N ARG B 249 -18.78 25.20 9.07
CA ARG B 249 -18.73 26.68 8.89
C ARG B 249 -17.54 27.25 9.69
N ARG B 250 -17.03 26.50 10.65
CA ARG B 250 -15.95 26.97 11.52
C ARG B 250 -14.75 26.02 11.50
N ILE B 251 -14.43 25.49 10.31
CA ILE B 251 -13.16 24.81 10.11
C ILE B 251 -12.56 25.35 8.82
N VAL B 252 -11.25 25.16 8.67
CA VAL B 252 -10.53 25.56 7.48
C VAL B 252 -10.36 24.39 6.49
N ALA B 253 -9.97 23.22 6.97
CA ALA B 253 -9.53 22.15 6.07
C ALA B 253 -9.93 20.80 6.64
N CYS B 254 -10.52 19.95 5.80
CA CYS B 254 -10.87 18.60 6.19
C CYS B 254 -10.46 17.63 5.08
N HIS B 255 -9.75 16.58 5.46
CA HIS B 255 -9.19 15.61 4.54
C HIS B 255 -10.18 14.44 4.32
N PHE B 256 -9.83 13.53 3.39
CA PHE B 256 -10.62 12.32 3.13
C PHE B 256 -12.00 12.63 2.58
N ILE B 257 -12.07 13.41 1.49
CA ILE B 257 -13.32 13.87 0.90
C ILE B 257 -13.24 13.60 -0.60
N LYS B 258 -14.09 12.68 -1.10
CA LYS B 258 -14.05 12.41 -2.53
C LYS B 258 -14.93 13.39 -3.30
N PRO B 259 -14.74 13.51 -4.60
CA PRO B 259 -15.49 14.54 -5.36
C PRO B 259 -16.98 14.56 -5.10
N ARG B 260 -17.69 13.44 -5.22
CA ARG B 260 -19.13 13.41 -4.99
C ARG B 260 -19.49 13.98 -3.62
N THR B 261 -18.75 13.55 -2.59
CA THR B 261 -18.98 14.04 -1.24
C THR B 261 -18.72 15.54 -1.14
N LEU B 262 -17.64 16.01 -1.78
CA LEU B 262 -17.35 17.43 -1.80
C LEU B 262 -18.53 18.23 -2.35
N LEU B 263 -19.09 17.78 -3.48
CA LEU B 263 -20.25 18.47 -4.05
C LEU B 263 -21.44 18.45 -3.10
N ASP B 264 -21.67 17.31 -2.43
CA ASP B 264 -22.77 17.25 -1.46
C ASP B 264 -22.55 18.22 -0.29
N TYR B 265 -21.31 18.31 0.21
CA TYR B 265 -21.03 19.23 1.31
C TYR B 265 -21.22 20.68 0.86
N TRP B 266 -20.77 21.00 -0.37
CA TRP B 266 -20.95 22.35 -0.87
C TRP B 266 -22.43 22.68 -0.99
N GLN B 267 -23.20 21.76 -1.55
CA GLN B 267 -24.63 21.97 -1.67
C GLN B 267 -25.29 22.13 -0.30
N ALA B 268 -24.89 21.32 0.67
CA ALA B 268 -25.42 21.48 2.02
C ALA B 268 -25.20 22.91 2.52
N LEU B 269 -23.98 23.40 2.42
CA LEU B 269 -23.66 24.77 2.92
C LEU B 269 -24.50 25.85 2.21
N GLU B 270 -24.70 25.71 0.90
CA GLU B 270 -25.54 26.66 0.14
C GLU B 270 -27.00 26.58 0.65
N ASN B 271 -27.57 25.38 0.71
CA ASN B 271 -29.00 25.23 1.10
C ASN B 271 -29.24 25.76 2.52
N SER B 272 -28.20 25.80 3.36
CA SER B 272 -28.39 26.18 4.78
C SER B 272 -27.87 27.61 5.04
N ARG B 273 -27.51 28.33 4.00
CA ARG B 273 -26.90 29.68 4.16
C ARG B 273 -27.71 30.58 5.12
N GLY B 274 -29.03 30.41 5.15
CA GLY B 274 -29.86 31.33 5.96
C GLY B 274 -30.09 30.85 7.37
N GLU B 275 -29.31 29.89 7.84
CA GLU B 275 -29.63 29.38 9.20
C GLU B 275 -28.55 29.86 10.18
N ASP B 276 -28.87 29.79 11.47
CA ASP B 276 -27.88 30.18 12.50
C ASP B 276 -27.46 28.95 13.31
N CYS B 277 -26.27 29.00 13.90
CA CYS B 277 -25.77 27.85 14.67
C CYS B 277 -25.42 28.34 16.08
N PRO B 278 -25.51 27.49 17.13
CA PRO B 278 -25.27 27.93 18.51
C PRO B 278 -23.87 28.52 18.72
C1 NAG C . 8.76 -15.05 -16.03
C2 NAG C . 8.46 -15.23 -17.51
C3 NAG C . 9.51 -14.51 -18.33
C4 NAG C . 9.65 -13.06 -17.86
C5 NAG C . 9.87 -13.02 -16.35
C6 NAG C . 9.93 -11.63 -15.78
C7 NAG C . 7.54 -17.26 -18.60
C8 NAG C . 7.76 -18.73 -18.77
N2 NAG C . 8.44 -16.64 -17.84
O3 NAG C . 9.18 -14.54 -19.71
O4 NAG C . 10.78 -12.47 -18.50
O5 NAG C . 8.74 -13.68 -15.74
O6 NAG C . 8.73 -10.91 -16.02
O7 NAG C . 6.61 -16.68 -19.13
H1 NAG C . 9.71 -15.33 -15.93
H2 NAG C . 7.57 -14.83 -17.69
H3 NAG C . 10.38 -14.97 -18.19
H4 NAG C . 8.83 -12.56 -18.08
H5 NAG C . 10.69 -13.51 -16.12
H61 NAG C . 10.68 -11.14 -16.18
H62 NAG C . 10.09 -11.69 -14.81
H81 NAG C . 7.89 -19.15 -17.90
H82 NAG C . 8.55 -18.89 -19.31
H83 NAG C . 6.99 -19.13 -19.21
HN2 NAG C . 9.09 -17.13 -17.51
HO3 NAG C . 8.98 -13.76 -19.94
HO6 NAG C . 8.69 -10.26 -15.48
C1 NAG C . 10.53 -11.25 -19.13
C2 NAG C . 11.83 -10.56 -19.60
C3 NAG C . 11.52 -9.32 -20.46
C4 NAG C . 10.43 -9.59 -21.49
C5 NAG C . 9.24 -10.26 -20.81
C6 NAG C . 8.10 -10.60 -21.75
C7 NAG C . 13.45 -11.02 -17.80
C8 NAG C . 14.15 -10.47 -16.60
N2 NAG C . 12.63 -10.18 -18.45
O3 NAG C . 12.72 -8.94 -21.13
O4 NAG C . 10.00 -8.35 -22.07
O5 NAG C . 9.69 -11.49 -20.23
O6 NAG C . 6.90 -10.82 -21.02
O7 NAG C . 13.61 -12.18 -18.17
H1 NAG C . 10.07 -10.66 -18.51
H2 NAG C . 12.33 -11.18 -20.17
H3 NAG C . 11.20 -8.61 -19.87
H4 NAG C . 10.76 -10.17 -22.20
H5 NAG C . 8.88 -9.66 -20.13
H61 NAG C . 8.32 -11.42 -22.25
H62 NAG C . 7.97 -9.87 -22.37
H81 NAG C . 14.75 -9.75 -16.89
H82 NAG C . 14.65 -11.17 -16.16
H83 NAG C . 13.49 -10.09 -15.98
HN2 NAG C . 12.57 -9.32 -18.15
HO3 NAG C . 12.79 -9.40 -21.89
HO4 NAG C . 10.40 -8.25 -22.86
HO6 NAG C . 6.82 -10.22 -20.37
C1 NAG D . 7.22 -33.55 22.55
C2 NAG D . 6.89 -35.04 22.34
C3 NAG D . 5.87 -35.53 23.37
C4 NAG D . 6.33 -35.17 24.79
C5 NAG D . 6.66 -33.68 24.88
C6 NAG D . 7.25 -33.30 26.22
C7 NAG D . 6.95 -36.22 20.18
C8 NAG D . 6.31 -36.32 18.81
N2 NAG D . 6.42 -35.30 20.99
O3 NAG D . 5.73 -36.94 23.25
O4 NAG D . 5.28 -35.47 25.71
O5 NAG D . 7.66 -33.35 23.90
O6 NAG D . 8.33 -34.16 26.57
O7 NAG D . 7.88 -36.94 20.52
H1 NAG D . 6.41 -33.02 22.40
H2 NAG D . 7.71 -35.55 22.48
H3 NAG D . 5.01 -35.09 23.22
H4 NAG D . 7.13 -35.68 25.01
H5 NAG D . 5.85 -33.16 24.72
H61 NAG D . 6.56 -33.37 26.91
H62 NAG D . 7.57 -32.39 26.18
H81 NAG D . 5.36 -36.45 18.90
H82 NAG D . 6.70 -37.08 18.34
H83 NAG D . 6.49 -35.50 18.31
HN2 NAG D . 5.72 -34.80 20.69
HO3 NAG D . 6.52 -37.33 23.39
C1 FUC D . 9.42 -33.45 27.18
C2 FUC D . 10.47 -34.51 27.57
C3 FUC D . 11.18 -35.07 26.34
C4 FUC D . 11.79 -33.94 25.49
C5 FUC D . 10.72 -32.89 25.14
C6 FUC D . 11.30 -31.65 24.45
O2 FUC D . 9.90 -35.54 28.34
O3 FUC D . 12.26 -35.91 26.72
O4 FUC D . 12.87 -33.34 26.18
O5 FUC D . 9.99 -32.43 26.33
C1 NAG E . 11.16 12.47 -10.32
C2 NAG E . 11.33 10.96 -10.42
C3 NAG E . 12.63 10.64 -11.18
C4 NAG E . 12.68 11.37 -12.51
C5 NAG E . 12.24 12.82 -12.38
C6 NAG E . 12.01 13.51 -13.71
C7 NAG E . 10.72 9.23 -8.78
C8 NAG E . 10.52 9.03 -7.31
N2 NAG E . 11.39 10.32 -9.12
O3 NAG E . 12.71 9.24 -11.37
O4 NAG E . 14.02 11.34 -12.98
O5 NAG E . 11.00 12.87 -11.66
O6 NAG E . 10.96 12.93 -14.46
O7 NAG E . 10.29 8.42 -9.60
H1 NAG E . 12.04 12.83 -10.01
H2 NAG E . 10.57 10.60 -10.94
H3 NAG E . 13.39 10.94 -10.63
H4 NAG E . 12.09 10.90 -13.16
H5 NAG E . 12.93 13.31 -11.87
H61 NAG E . 12.83 13.48 -14.23
H62 NAG E . 11.79 14.45 -13.54
H81 NAG E . 10.11 9.83 -6.94
H82 NAG E . 11.37 8.89 -6.89
H83 NAG E . 9.93 8.27 -7.16
HN2 NAG E . 11.90 10.68 -8.51
HO3 NAG E . 12.18 9.04 -12.01
HO6 NAG E . 11.11 12.11 -14.61
C1 NAG E . 14.47 10.49 -13.99
C2 NAG E . 13.75 10.77 -15.32
C3 NAG E . 14.59 11.69 -16.18
C4 NAG E . 15.36 12.69 -15.33
C5 NAG E . 16.36 11.95 -14.44
C6 NAG E . 16.61 12.66 -13.14
C7 NAG E . 12.59 8.64 -15.53
C8 NAG E . 11.23 9.14 -15.14
N2 NAG E . 13.42 9.55 -16.02
O3 NAG E . 13.75 12.36 -17.09
O4 NAG E . 16.05 13.60 -16.17
O5 NAG E . 15.88 10.63 -14.12
O6 NAG E . 17.67 13.60 -13.27
O7 NAG E . 12.91 7.47 -15.38
H1 NAG E . 14.26 9.57 -13.71
H2 NAG E . 12.91 11.24 -15.12
H3 NAG E . 15.25 11.14 -16.69
H4 NAG E . 14.72 13.19 -14.75
H5 NAG E . 17.20 11.87 -14.93
H61 NAG E . 16.83 12.00 -12.45
H62 NAG E . 15.80 13.13 -12.87
H81 NAG E . 10.56 8.49 -15.39
H82 NAG E . 11.05 9.98 -15.59
H83 NAG E . 11.19 9.28 -14.18
HN2 NAG E . 13.79 9.41 -16.80
HO3 NAG E . 13.24 12.86 -16.65
HO4 NAG E . 15.77 13.52 -16.95
HO6 NAG E . 17.69 13.89 -14.06
C1 NAG F . -1.63 44.00 12.99
C2 NAG F . -2.72 44.82 13.67
C3 NAG F . -2.24 46.22 14.02
C4 NAG F . -0.94 46.14 14.81
C5 NAG F . 0.07 45.30 14.04
C6 NAG F . 1.36 45.10 14.77
C7 NAG F . -5.04 44.26 12.94
C8 NAG F . -5.32 43.60 14.26
N2 NAG F . -3.89 44.96 12.84
O3 NAG F . -3.25 46.87 14.76
O4 NAG F . -0.46 47.46 15.01
O5 NAG F . -0.49 43.99 13.84
O6 NAG F . 1.14 44.55 16.06
O7 NAG F . -5.81 44.18 12.00
H1 NAG F . -1.36 44.49 12.17
H2 NAG F . -2.93 44.38 14.52
H3 NAG F . -2.07 46.71 13.17
H4 NAG F . -1.12 45.71 15.69
H5 NAG F . 0.24 45.73 13.17
H61 NAG F . 1.82 45.96 14.87
H62 NAG F . 1.94 44.51 14.26
H81 NAG F . -5.18 44.25 14.97
H82 NAG F . -4.73 42.85 14.38
H83 NAG F . -6.24 43.30 14.27
HN2 NAG F . -3.87 45.55 12.20
HO3 NAG F . -3.46 46.37 15.39
C1 NAG F . 0.07 47.78 16.26
C2 NAG F . 0.39 49.28 16.32
C3 NAG F . 0.94 49.64 17.70
C4 NAG F . 0.09 49.06 18.81
C5 NAG F . -0.18 47.57 18.57
C6 NAG F . -1.07 46.93 19.61
C7 NAG F . 1.02 50.03 14.05
C8 NAG F . 2.17 50.08 13.10
N2 NAG F . 1.34 49.68 15.30
O3 NAG F . 0.99 51.05 17.80
O4 NAG F . 0.76 49.16 20.06
O5 NAG F . -0.83 47.46 17.30
O6 NAG F . -2.20 47.74 19.91
O7 NAG F . -0.12 50.29 13.70
H1 NAG F . 0.90 47.28 16.39
H2 NAG F . -0.45 49.77 16.20
H3 NAG F . 1.86 49.26 17.77
H4 NAG F . -0.78 49.54 18.86
H5 NAG F . 0.69 47.10 18.54
H61 NAG F . -0.56 46.79 20.43
H62 NAG F . -1.38 46.07 19.28
H81 NAG F . 1.84 50.30 12.21
H82 NAG F . 2.61 49.21 13.07
H83 NAG F . 2.81 50.76 13.38
HN2 NAG F . 2.18 49.70 15.52
HO3 NAG F . 1.75 51.31 17.52
HO6 NAG F . -2.06 48.18 20.62
C1 BMA F . 0.23 49.95 21.07
C2 BMA F . 0.47 49.37 22.43
C3 BMA F . 0.03 50.30 23.51
C4 BMA F . 0.64 51.68 23.31
C5 BMA F . 0.35 52.18 21.90
C6 BMA F . 1.06 53.45 21.59
O2 BMA F . 1.85 49.06 22.58
O3 BMA F . 0.45 49.81 24.77
O4 BMA F . 0.10 52.59 24.24
O5 BMA F . 0.82 51.22 20.95
O6 BMA F . 2.46 53.32 21.79
H1 BMA F . -0.75 50.04 20.93
H2 BMA F . -0.05 48.53 22.49
H3 BMA F . -0.96 50.38 23.50
H4 BMA F . 1.61 51.61 23.44
H5 BMA F . -0.62 52.29 21.78
H61 BMA F . 0.71 54.17 22.16
H62 BMA F . 0.89 53.71 20.65
HO2 BMA F . 2.29 49.47 21.99
HO4 BMA F . -0.46 52.19 24.72
C1 MAN F . -0.51 49.10 25.49
C2 MAN F . -0.01 49.05 26.92
C3 MAN F . 1.23 48.20 27.02
C4 MAN F . 0.99 46.83 26.41
C5 MAN F . 0.47 46.97 24.98
C6 MAN F . 0.07 45.64 24.39
O2 MAN F . -1.04 48.57 27.78
O3 MAN F . 1.61 48.06 28.38
O4 MAN F . 2.22 46.12 26.38
O5 MAN F . -0.71 47.79 24.97
O6 MAN F . -0.53 45.80 23.11
H1 MAN F . -1.37 49.59 25.47
H2 MAN F . 0.21 49.97 27.19
H3 MAN F . 1.96 48.64 26.53
H4 MAN F . 0.34 46.34 26.95
H5 MAN F . 1.17 47.37 24.42
H61 MAN F . -0.56 45.19 24.99
H62 MAN F . 0.86 45.07 24.31
HO2 MAN F . -1.52 48.03 27.34
HO3 MAN F . 0.93 47.88 28.83
HO4 MAN F . 2.72 46.46 25.80
HO6 MAN F . -0.09 46.39 22.68
C1 MAN F . 3.25 54.44 21.51
C2 MAN F . 4.70 54.10 21.77
C3 MAN F . 4.95 53.86 23.24
C4 MAN F . 4.43 55.01 24.08
C5 MAN F . 2.99 55.35 23.73
C6 MAN F . 2.52 56.63 24.37
O2 MAN F . 5.53 55.16 21.28
O3 MAN F . 6.35 53.70 23.48
O4 MAN F . 4.50 54.63 25.44
O5 MAN F . 2.87 55.55 22.31
O6 MAN F . 2.98 57.76 23.62
H1 MAN F . 3.14 54.69 20.56
H2 MAN F . 4.90 53.28 21.27
H3 MAN F . 4.49 53.03 23.52
H4 MAN F . 5.01 55.80 23.94
H5 MAN F . 2.40 54.61 24.00
H61 MAN F . 2.88 56.69 25.28
H62 MAN F . 1.55 56.63 24.41
HO2 MAN F . 5.11 55.89 21.35
HO3 MAN F . 6.55 54.12 24.19
HO4 MAN F . 3.93 54.02 25.59
HO6 MAN F . 3.45 57.48 22.98
C1 FUC F . 2.25 44.58 16.90
C2 FUC F . 1.89 43.87 18.18
C3 FUC F . 1.62 42.39 17.95
C4 FUC F . 2.77 41.74 17.21
C5 FUC F . 3.08 42.53 15.95
C6 FUC F . 4.30 42.02 15.20
O2 FUC F . 0.76 44.49 18.79
O3 FUC F . 1.41 41.75 19.21
O4 FUC F . 3.94 41.69 18.04
O5 FUC F . 3.36 43.91 16.29
H1 FUC F . 2.51 45.50 17.10
H2 FUC F . 2.66 43.95 18.79
H3 FUC F . 0.81 42.30 17.40
H4 FUC F . 2.52 40.83 16.96
H5 FUC F . 2.30 42.49 15.34
H61 FUC F . 5.10 42.41 15.59
H62 FUC F . 4.23 42.27 14.27
H63 FUC F . 4.34 41.06 15.28
HO2 FUC F . 1.02 44.99 19.41
HO3 FUC F . 1.39 42.34 19.80
HO4 FUC F . 4.32 42.44 18.03
C1 MBG G . 0.80 -37.80 -10.73
C2 MBG G . 1.12 -36.65 -9.78
C3 MBG G . 2.42 -35.97 -10.18
C4 MBG G . 3.52 -36.98 -10.37
C5 MBG G . 3.08 -38.00 -11.39
C6 MBG G . 4.12 -39.07 -11.66
C7 MBG G . -0.83 -39.46 -11.07
O1 MBG G . -0.30 -38.49 -10.19
O2 MBG G . 0.07 -35.70 -9.76
O3 MBG G . 2.79 -35.01 -9.20
O4 MBG G . 3.78 -37.62 -9.14
O5 MBG G . 1.90 -38.67 -10.89
O6 MBG G . 3.68 -40.01 -12.62
H1 MBG G . 0.56 -37.43 -11.59
H2 MBG G . 1.23 -37.01 -8.86
H3 MBG G . 2.27 -35.51 -11.05
H4 MBG G . 4.34 -36.53 -10.69
H5 MBG G . 2.86 -37.54 -12.23
H61 MBG G . 4.33 -39.54 -10.83
H62 MBG G . 4.94 -38.64 -11.98
H71 MBG G . -0.67 -39.18 -11.99
H72 MBG G . -1.78 -39.55 -10.91
H73 MBG G . -0.39 -40.31 -10.92
HO2 MBG G . 0.39 -34.93 -9.77
HO4 MBG G . 4.46 -38.09 -9.18
HO6 MBG G . 2.89 -39.80 -12.85
C1 NAG G . 3.29 -33.83 -9.75
C2 NAG G . 3.02 -32.68 -8.78
C3 NAG G . 3.64 -31.40 -9.33
C4 NAG G . 5.12 -31.63 -9.58
C5 NAG G . 5.22 -32.77 -10.59
C6 NAG G . 6.63 -33.10 -11.01
C7 NAG G . 0.98 -32.76 -7.42
C8 NAG G . -0.51 -32.86 -7.47
N2 NAG G . 1.59 -32.51 -8.57
O3 NAG G . 3.42 -30.32 -8.44
O4 NAG G . 5.71 -30.45 -10.10
O5 NAG G . 4.68 -33.95 -9.99
O6 NAG G . 6.62 -34.16 -11.95
O7 NAG G . 1.60 -32.90 -6.38
H1 NAG G . 2.83 -33.64 -10.59
H2 NAG G . 3.46 -32.88 -7.93
H3 NAG G . 3.20 -31.20 -10.19
H4 NAG G . 5.58 -31.89 -8.74
H5 NAG G . 4.69 -32.53 -11.40
H61 NAG G . 7.15 -33.38 -10.21
H62 NAG G . 7.06 -32.32 -11.40
H81 NAG G . -0.91 -32.11 -7.00
H82 NAG G . -0.79 -33.68 -7.03
H83 NAG G . -0.81 -32.87 -8.39
HN2 NAG G . 1.11 -32.23 -9.24
HO3 NAG G . 2.70 -29.95 -8.64
HO4 NAG G . 5.41 -30.31 -10.88
HO6 NAG G . 5.85 -34.52 -11.94
C1 MBG H . 2.16 9.12 11.94
C2 MBG H . 2.38 10.51 11.35
C3 MBG H . 1.41 10.85 10.20
C4 MBG H . -0.03 10.42 10.46
C5 MBG H . -0.08 9.25 11.44
C6 MBG H . -1.25 8.30 11.27
C7 MBG H . 3.72 7.82 13.07
O1 MBG H . 3.35 8.41 11.84
O2 MBG H . 2.23 11.44 12.40
O3 MBG H . 1.87 10.26 9.00
O4 MBG H . -0.66 10.07 9.23
O5 MBG H . 1.09 8.48 11.30
O6 MBG H . -1.57 7.73 12.53
H1 MBG H . 1.94 9.21 12.88
H2 MBG H . 3.30 10.56 11.00
H3 MBG H . 1.42 11.84 10.09
H4 MBG H . -0.52 11.18 10.85
H5 MBG H . -0.12 9.61 12.32
H61 MBG H . -1.01 7.60 10.65
H62 MBG H . -2.03 8.79 10.94
H71 MBG H . 3.00 7.25 13.37
H72 MBG H . 3.89 8.52 13.72
H73 MBG H . 4.52 7.29 12.94
HO2 MBG H . 1.51 11.29 12.81
HO4 MBG H . -0.08 9.74 8.71
HO6 MBG H . -0.86 7.63 12.97
C1 NAG H . 2.56 10.98 8.03
C2 NAG H . 1.96 12.26 7.45
C3 NAG H . 2.71 12.54 6.16
C4 NAG H . 4.18 12.76 6.47
C5 NAG H . 4.68 11.56 7.26
C6 NAG H . 6.10 11.69 7.75
C7 NAG H . -0.28 13.27 7.32
C8 NAG H . -1.22 13.43 6.17
N2 NAG H . 0.53 12.21 7.27
O3 NAG H . 2.16 13.63 5.42
O4 NAG H . 4.94 12.89 5.28
O5 NAG H . 3.85 11.41 8.42
O6 NAG H . 6.45 10.54 8.49
O7 NAG H . -0.27 14.05 8.27
H1 NAG H . 2.68 10.37 7.27
H2 NAG H . 2.15 13.00 8.08
H3 NAG H . 2.63 11.71 5.60
H4 NAG H . 4.28 13.58 7.02
H5 NAG H . 4.60 10.76 6.69
H61 NAG H . 6.18 12.48 8.30
H62 NAG H . 6.71 11.78 6.98
H81 NAG H . -0.89 14.14 5.59
H82 NAG H . -2.10 13.66 6.51
H83 NAG H . -1.26 12.60 5.67
HN2 NAG H . 0.16 11.42 7.11
HO3 NAG H . 2.77 13.94 4.94
HO4 NAG H . 5.59 13.40 5.39
HO6 NAG H . 5.77 10.02 8.54
MN MN I . -4.31 -26.83 -7.66
N1 UDP J . -1.15 -19.99 -10.03
C2 UDP J . -0.57 -18.71 -9.92
N3 UDP J . -0.34 -18.07 -11.12
C4 UDP J . -0.62 -18.55 -12.38
C5 UDP J . -1.20 -19.88 -12.41
C6 UDP J . -1.46 -20.53 -11.25
O2 UDP J . -0.31 -18.17 -8.85
O4 UDP J . -0.34 -17.86 -13.36
C1' UDP J . -1.46 -20.71 -8.79
C2' UDP J . -2.88 -21.26 -8.71
O2' UDP J . -3.80 -20.28 -8.28
C3' UDP J . -2.69 -22.36 -7.67
C4' UDP J . -1.32 -22.92 -8.08
O4' UDP J . -0.64 -21.84 -8.76
O3' UDP J . -2.69 -21.80 -6.37
C5' UDP J . -1.34 -24.13 -8.98
O5' UDP J . -2.28 -23.85 -10.04
PA UDP J . -3.42 -24.88 -10.41
O1A UDP J . -4.21 -24.30 -11.50
O2A UDP J . -4.23 -25.26 -9.18
O3A UDP J . -2.68 -26.17 -10.87
PB UDP J . -2.31 -27.54 -10.15
O1B UDP J . -3.34 -27.88 -8.80
O2B UDP J . -0.78 -27.37 -9.91
O3B UDP J . -2.38 -28.55 -11.28
HN3 UDP J . 0.01 -17.29 -11.06
H5 UDP J . -1.39 -20.28 -13.23
H6 UDP J . -1.86 -21.37 -11.29
H1' UDP J . -1.29 -20.12 -8.03
H2' UDP J . -3.16 -21.61 -9.57
HO2' UDP J . -4.59 -20.52 -8.52
H3' UDP J . -3.35 -23.06 -7.74
H4' UDP J . -0.84 -23.14 -7.26
HO3' UDP J . -2.06 -21.23 -6.27
H5'1 UDP J . -0.45 -24.27 -9.36
H5'2 UDP J . -1.61 -24.92 -8.49
C1 B3P K . 22.30 -35.87 -10.64
C2 B3P K . 20.86 -36.09 -10.16
C3 B3P K . 22.80 -34.41 -10.43
N1 B3P K . 23.00 -34.22 -8.98
C4 B3P K . 23.56 -32.89 -8.65
C5 B3P K . 24.97 -32.64 -9.24
C6 B3P K . 23.69 -32.89 -7.11
C7 B3P K . 22.75 -31.70 -9.18
N2 B3P K . 20.78 -36.10 -8.71
C8 B3P K . 19.46 -36.04 -8.07
C9 B3P K . 19.70 -36.58 -6.63
C10 B3P K . 18.46 -36.97 -8.79
C11 B3P K . 18.95 -34.58 -8.03
O1 B3P K . 18.51 -36.51 -5.96
O2 B3P K . 18.98 -38.28 -8.80
O3 B3P K . 19.99 -33.73 -7.62
O4 B3P K . 25.88 -33.59 -8.81
O5 B3P K . 24.13 -31.63 -6.68
O6 B3P K . 21.36 -31.79 -8.85
H11 B3P K . 22.35 -36.08 -11.59
H12 B3P K . 22.90 -36.47 -10.17
H21 B3P K . 20.53 -36.94 -10.50
H22 B3P K . 20.29 -35.38 -10.48
H31 B3P K . 23.63 -34.27 -10.91
H32 B3P K . 22.12 -33.79 -10.76
HN1 B3P K . 23.57 -34.84 -8.70
H51 B3P K . 24.91 -32.67 -10.20
H52 B3P K . 25.27 -31.76 -8.96
H61 B3P K . 24.34 -33.57 -6.84
H62 B3P K . 22.83 -33.09 -6.71
H71 B3P K . 23.10 -30.90 -8.79
H72 B3P K . 22.83 -31.68 -10.14
HN2 B3P K . 21.21 -35.38 -8.43
H91 B3P K . 20.38 -36.04 -6.19
H92 B3P K . 20.00 -37.51 -6.67
H101 B3P K . 17.62 -36.96 -8.32
H102 B3P K . 18.34 -36.66 -9.69
H111 B3P K . 18.66 -34.31 -8.92
H112 B3P K . 18.21 -34.51 -7.41
HO1 B3P K . 18.33 -35.69 -5.77
HO2 B3P K . 18.54 -38.74 -9.36
HO3 B3P K . 19.65 -33.02 -7.29
HO4 B3P K . 25.77 -34.30 -9.28
HO5 B3P K . 24.76 -31.73 -6.12
HO6 B3P K . 21.28 -31.92 -8.00
MN MN L . -4.92 12.82 0.66
N1 UDP M . -0.50 13.16 -5.60
C2 UDP M . -0.10 13.53 -6.87
N3 UDP M . 0.62 12.57 -7.54
C4 UDP M . 0.98 11.31 -7.09
C5 UDP M . 0.53 11.02 -5.77
C6 UDP M . -0.17 11.93 -5.08
O2 UDP M . -0.35 14.60 -7.38
O4 UDP M . 1.63 10.58 -7.82
C1' UDP M . -1.29 14.13 -4.81
C2' UDP M . -2.68 13.60 -4.50
O2' UDP M . -3.54 14.02 -5.54
C3' UDP M . -2.97 14.27 -3.16
C4' UDP M . -1.59 14.24 -2.49
O4' UDP M . -0.64 14.35 -3.58
O3' UDP M . -3.43 15.58 -3.38
C5' UDP M . -1.23 13.01 -1.68
O5' UDP M . -2.40 12.50 -1.01
PA UDP M . -3.05 11.08 -1.34
O1A UDP M . -2.23 10.36 -2.35
O2A UDP M . -4.50 11.25 -1.62
O3A UDP M . -2.91 10.35 0.07
PB UDP M . -2.18 10.76 1.45
O1B UDP M . -2.89 11.97 1.98
O2B UDP M . -0.77 11.06 1.08
O3B UDP M . -2.31 9.59 2.37
HN3 UDP M . 0.87 12.79 -8.35
H5 UDP M . 0.74 10.19 -5.38
H6 UDP M . -0.46 11.71 -4.22
H1' UDP M . -1.37 14.98 -5.29
H2' UDP M . -2.69 12.62 -4.41
HO2' UDP M . -3.13 13.96 -6.28
H3' UDP M . -3.65 13.75 -2.66
H4' UDP M . -1.49 15.02 -1.91
HO3' UDP M . -2.90 16.13 -3.02
H5'1 UDP M . -0.85 12.33 -2.28
H5'2 UDP M . -0.54 13.25 -1.02
C1 B3P N . 19.97 16.60 13.52
C2 B3P N . 18.42 16.71 13.36
C3 B3P N . 20.67 17.80 12.81
N1 B3P N . 20.09 18.09 11.49
C4 B3P N . 20.65 19.32 10.86
C5 B3P N . 20.06 19.36 9.44
C6 B3P N . 22.18 19.25 10.76
C7 B3P N . 20.23 20.58 11.64
N2 B3P N . 17.96 17.86 14.15
C8 B3P N . 16.59 18.26 13.76
C9 B3P N . 15.71 17.00 13.70
C10 B3P N . 16.03 19.20 14.82
C11 B3P N . 16.56 19.04 12.45
O1 B3P N . 15.94 16.32 14.90
O2 B3P N . 14.65 19.27 14.63
O3 B3P N . 16.89 18.27 11.35
O4 B3P N . 18.65 19.30 9.54
O5 B3P N . 22.76 20.45 11.18
O6 B3P N . 20.50 21.71 10.85
H11 B3P N . 20.28 15.76 13.13
H12 B3P N . 20.19 16.61 14.47
H21 B3P N . 17.99 15.89 13.68
H22 B3P N . 18.19 16.84 12.42
H31 B3P N . 20.58 18.59 13.37
H32 B3P N . 21.61 17.60 12.70
HN1 B3P N . 20.28 17.40 10.95
H51 B3P N . 20.32 20.18 9.00
H52 B3P N . 20.38 18.59 8.94
H61 B3P N . 22.42 19.07 9.83
H62 B3P N . 22.50 18.51 11.30
H71 B3P N . 19.27 20.54 11.83
H72 B3P N . 20.72 20.63 12.47
HN2 B3P N . 18.50 18.56 14.01
H91 B3P N . 15.96 16.45 12.95
H92 B3P N . 14.78 17.26 13.64
H101 B3P N . 16.23 18.85 15.71
H102 B3P N . 16.43 20.08 14.73
H111 B3P N . 15.67 19.42 12.33
H112 B3P N . 17.21 19.77 12.52
HO1 B3P N . 16.31 16.83 15.48
HO2 B3P N . 14.47 19.86 14.04
HO3 B3P N . 17.14 18.76 10.72
HO4 B3P N . 18.36 20.05 9.83
HO5 B3P N . 23.12 20.32 11.94
HO6 B3P N . 21.34 21.81 10.78
#